data_9IB9
#
_entry.id   9IB9
#
_cell.length_a   50.303
_cell.length_b   166.979
_cell.length_c   50.346
_cell.angle_alpha   90.000
_cell.angle_beta   106.629
_cell.angle_gamma   90.000
#
_symmetry.space_group_name_H-M   'P 1 21 1'
#
loop_
_entity.id
_entity.type
_entity.pdbx_description
1 polymer 'Photorhabdus luminescens subsp. laumondii TTO1 complete genome segment 15/17'
2 branched alpha-L-fucopyranose-(1-2)-[alpha-D-galactopyranose-(1-3)]beta-D-galactopyranose-(1-3)-[alpha-L-fucopyranose-(1-4)]2-acetamido-2-deoxy-alpha-D-glucopyranose
3 water water
#
_entity_poly.entity_id   1
_entity_poly.type   'polypeptide(L)'
_entity_poly.pdbx_seq_one_letter_code
;MSIVFASIDPRSNPLQTSSQNYVDIPGLKLDVSKYSNSPCLTALITLNIPTPYASGNNFPGGNFAIVTDQGEQLAYGGFT
YSSKIPENSGRMPFTLVARYSLASNVSTIKAQWSNIRGSTVHIDSYASISAVIQCNQLV
;
_entity_poly.pdbx_strand_id   A,B,C,D,E,F
#
loop_
_chem_comp.id
_chem_comp.type
_chem_comp.name
_chem_comp.formula
FUC L-saccharide, alpha linking alpha-L-fucopyranose 'C6 H12 O5'
GAL D-saccharide, beta linking beta-D-galactopyranose 'C6 H12 O6'
GLA D-saccharide, alpha linking alpha-D-galactopyranose 'C6 H12 O6'
NDG D-saccharide, alpha linking 2-acetamido-2-deoxy-alpha-D-glucopyranose 'C8 H15 N O6'
#
# COMPACT_ATOMS: atom_id res chain seq x y z
N SER A 2 7.52 4.82 -1.31
CA SER A 2 8.95 4.75 -0.96
C SER A 2 9.53 6.16 -0.88
N ILE A 3 10.71 6.24 -0.31
CA ILE A 3 11.42 7.48 -0.11
C ILE A 3 12.73 7.44 -0.87
N VAL A 4 13.03 8.53 -1.58
CA VAL A 4 14.35 8.77 -2.15
CA VAL A 4 14.34 8.77 -2.17
C VAL A 4 14.88 10.04 -1.51
N PHE A 5 16.20 10.12 -1.29
CA PHE A 5 16.76 11.19 -0.51
C PHE A 5 18.22 11.40 -0.83
N ALA A 6 18.63 12.68 -0.82
CA ALA A 6 20.06 13.02 -0.87
C ALA A 6 20.30 14.28 -0.05
N SER A 7 21.41 14.34 0.63
CA SER A 7 21.80 15.55 1.36
C SER A 7 23.27 15.88 1.17
N ILE A 8 23.60 17.14 1.50
CA ILE A 8 24.95 17.67 1.51
C ILE A 8 25.15 18.39 2.83
N ASP A 9 26.40 18.62 3.21
CA ASP A 9 26.72 19.47 4.35
C ASP A 9 28.09 20.09 4.09
N PRO A 10 28.17 21.08 3.18
CA PRO A 10 29.47 21.57 2.73
C PRO A 10 30.13 22.58 3.64
N ARG A 11 30.38 22.18 4.88
CA ARG A 11 31.03 23.07 5.82
C ARG A 11 32.49 23.31 5.46
N SER A 12 33.21 22.26 5.08
CA SER A 12 34.64 22.38 4.87
C SER A 12 34.97 23.02 3.51
N ASN A 13 34.04 22.91 2.54
CA ASN A 13 34.23 23.48 1.22
C ASN A 13 32.90 24.06 0.74
N PRO A 14 32.56 25.25 1.23
CA PRO A 14 31.25 25.82 0.96
C PRO A 14 31.00 25.99 -0.53
N LEU A 15 29.72 26.00 -0.87
CA LEU A 15 29.26 26.15 -2.24
C LEU A 15 28.87 27.60 -2.44
N GLN A 16 29.05 28.10 -3.67
CA GLN A 16 28.63 29.43 -4.03
C GLN A 16 28.23 29.49 -5.48
N THR A 17 27.41 30.47 -5.84
CA THR A 17 27.22 30.81 -7.25
C THR A 17 26.95 32.30 -7.43
N SER A 18 27.52 32.85 -8.50
CA SER A 18 27.16 34.15 -9.04
C SER A 18 26.60 33.99 -10.44
N SER A 19 26.07 32.79 -10.75
CA SER A 19 25.48 32.56 -12.08
C SER A 19 24.06 33.16 -12.14
N GLN A 20 23.74 33.94 -13.17
CA GLN A 20 22.40 34.45 -13.40
C GLN A 20 21.48 33.35 -13.92
N ASN A 21 22.05 32.30 -14.51
CA ASN A 21 21.32 31.15 -15.03
C ASN A 21 21.31 30.05 -13.98
N TYR A 22 20.23 29.26 -13.92
CA TYR A 22 20.21 28.14 -13.02
C TYR A 22 21.30 27.14 -13.36
N VAL A 23 22.00 26.67 -12.33
CA VAL A 23 23.05 25.68 -12.41
C VAL A 23 22.85 24.67 -11.27
N ASP A 24 23.36 23.46 -11.48
CA ASP A 24 23.18 22.41 -10.49
C ASP A 24 23.80 22.80 -9.16
N ILE A 25 23.14 22.41 -8.06
CA ILE A 25 23.80 22.35 -6.78
C ILE A 25 24.39 20.97 -6.61
N PRO A 26 25.72 20.83 -6.65
CA PRO A 26 26.29 19.49 -6.66
C PRO A 26 25.87 18.74 -5.41
N GLY A 27 25.51 17.48 -5.60
CA GLY A 27 25.16 16.58 -4.51
C GLY A 27 23.66 16.51 -4.26
N LEU A 28 22.88 17.50 -4.69
CA LEU A 28 21.45 17.52 -4.42
C LEU A 28 20.70 16.99 -5.64
N LYS A 29 20.86 15.68 -5.85
CA LYS A 29 20.27 14.97 -6.98
C LYS A 29 19.62 13.72 -6.44
N LEU A 30 18.44 13.42 -6.97
CA LEU A 30 17.74 12.18 -6.68
C LEU A 30 17.85 11.27 -7.88
N ASP A 31 18.24 10.03 -7.61
CA ASP A 31 18.23 9.00 -8.62
C ASP A 31 16.88 8.29 -8.56
N VAL A 32 16.04 8.54 -9.57
CA VAL A 32 14.77 7.86 -9.69
C VAL A 32 14.76 6.86 -10.84
N SER A 33 15.95 6.39 -11.28
CA SER A 33 16.12 5.40 -12.35
C SER A 33 15.20 4.20 -12.17
N LYS A 34 15.10 3.67 -10.94
CA LYS A 34 14.34 2.46 -10.70
C LYS A 34 12.85 2.71 -10.98
N TYR A 35 12.42 3.98 -11.01
CA TYR A 35 11.01 4.33 -11.16
C TYR A 35 10.69 4.90 -12.54
N SER A 36 11.70 5.13 -13.39
CA SER A 36 11.48 5.70 -14.72
C SER A 36 10.49 4.86 -15.53
N ASN A 37 9.82 5.51 -16.49
CA ASN A 37 8.93 4.80 -17.41
C ASN A 37 7.84 4.03 -16.67
N SER A 38 7.26 4.68 -15.65
CA SER A 38 6.25 4.10 -14.79
C SER A 38 5.06 5.02 -14.75
N PRO A 39 4.09 4.89 -15.68
CA PRO A 39 3.03 5.90 -15.78
C PRO A 39 2.13 5.89 -14.55
N CYS A 40 2.21 4.84 -13.73
CA CYS A 40 1.40 4.76 -12.52
C CYS A 40 2.08 5.32 -11.28
N LEU A 41 3.28 5.88 -11.42
CA LEU A 41 3.97 6.45 -10.25
C LEU A 41 4.08 7.98 -10.32
N THR A 42 4.00 8.61 -9.15
CA THR A 42 4.19 10.05 -8.97
C THR A 42 5.17 10.29 -7.84
N ALA A 43 6.02 11.32 -8.01
CA ALA A 43 6.96 11.79 -7.00
C ALA A 43 6.49 13.14 -6.47
N LEU A 44 6.52 13.28 -5.14
CA LEU A 44 6.32 14.55 -4.47
C LEU A 44 7.68 14.92 -3.89
N ILE A 45 8.26 15.99 -4.43
CA ILE A 45 9.66 16.34 -4.22
C ILE A 45 9.80 17.58 -3.36
N THR A 46 10.64 17.51 -2.34
CA THR A 46 10.89 18.64 -1.48
C THR A 46 12.38 18.96 -1.49
N LEU A 47 12.69 20.22 -1.84
CA LEU A 47 14.02 20.79 -1.74
C LEU A 47 14.10 21.66 -0.49
N ASN A 48 15.01 21.29 0.42
CA ASN A 48 15.16 21.97 1.69
C ASN A 48 16.54 22.57 1.80
N ILE A 49 16.59 23.91 1.78
CA ILE A 49 17.86 24.62 1.96
CA ILE A 49 17.84 24.68 1.90
C ILE A 49 17.66 25.53 3.15
N PRO A 50 17.90 24.97 4.36
CA PRO A 50 17.45 25.68 5.56
C PRO A 50 18.26 26.87 6.00
N THR A 51 19.49 27.04 5.46
CA THR A 51 20.39 28.02 5.99
C THR A 51 21.20 28.72 4.90
N PRO A 52 20.60 29.16 3.78
CA PRO A 52 21.37 29.86 2.74
C PRO A 52 21.55 31.32 3.13
N TYR A 53 22.46 31.99 2.42
CA TYR A 53 22.55 33.44 2.46
C TYR A 53 23.07 33.90 1.10
N ALA A 54 23.01 35.23 0.87
CA ALA A 54 23.52 35.80 -0.37
C ALA A 54 24.20 37.11 -0.05
N SER A 55 25.33 37.36 -0.72
N SER A 55 25.35 37.32 -0.72
CA SER A 55 26.07 38.59 -0.57
CA SER A 55 26.16 38.51 -0.64
C SER A 55 25.84 39.46 -1.80
C SER A 55 25.79 39.44 -1.79
N GLY A 56 25.95 40.77 -1.59
CA GLY A 56 25.84 41.70 -2.68
C GLY A 56 25.39 43.08 -2.21
N ASN A 57 25.28 44.00 -3.18
CA ASN A 57 25.01 45.39 -2.83
C ASN A 57 23.83 45.95 -3.64
N ASN A 58 22.93 45.09 -4.16
CA ASN A 58 21.73 45.55 -4.80
C ASN A 58 20.53 44.67 -4.45
N PHE A 59 20.15 44.67 -3.14
CA PHE A 59 19.06 43.83 -2.65
C PHE A 59 19.35 42.39 -3.02
N PRO A 60 20.47 41.83 -2.49
CA PRO A 60 20.84 40.48 -2.87
C PRO A 60 19.83 39.41 -2.43
N GLY A 61 19.95 38.24 -3.03
CA GLY A 61 19.13 37.10 -2.72
C GLY A 61 19.59 35.90 -3.54
N GLY A 62 18.81 34.83 -3.50
CA GLY A 62 19.09 33.61 -4.21
C GLY A 62 17.80 32.98 -4.68
N ASN A 63 17.90 32.29 -5.82
CA ASN A 63 16.81 31.53 -6.39
C ASN A 63 17.19 30.06 -6.47
N PHE A 64 16.18 29.19 -6.35
CA PHE A 64 16.32 27.75 -6.40
C PHE A 64 15.23 27.17 -7.27
N ALA A 65 15.53 26.02 -7.86
CA ALA A 65 14.63 25.30 -8.70
C ALA A 65 14.80 23.80 -8.51
N ILE A 66 13.73 23.05 -8.83
CA ILE A 66 13.75 21.61 -8.97
C ILE A 66 13.56 21.32 -10.46
N VAL A 67 14.46 20.51 -11.03
CA VAL A 67 14.49 20.28 -12.46
CA VAL A 67 14.56 20.30 -12.47
C VAL A 67 14.75 18.80 -12.73
N THR A 68 14.24 18.33 -13.87
CA THR A 68 14.56 16.97 -14.30
C THR A 68 15.79 16.96 -15.20
N ASP A 69 16.29 15.77 -15.48
CA ASP A 69 17.41 15.61 -16.41
C ASP A 69 17.04 16.02 -17.83
N GLN A 70 15.74 16.17 -18.15
CA GLN A 70 15.33 16.62 -19.47
C GLN A 70 15.23 18.14 -19.55
N GLY A 71 15.54 18.84 -18.46
CA GLY A 71 15.48 20.30 -18.45
C GLY A 71 14.10 20.83 -18.07
N GLU A 72 13.24 19.97 -17.53
CA GLU A 72 11.91 20.45 -17.12
C GLU A 72 12.02 21.11 -15.74
N GLN A 73 11.68 22.38 -15.67
CA GLN A 73 11.66 23.13 -14.41
C GLN A 73 10.32 22.91 -13.72
N LEU A 74 10.34 22.13 -12.64
CA LEU A 74 9.11 21.72 -11.97
C LEU A 74 8.60 22.75 -10.97
N ALA A 75 9.50 23.55 -10.43
CA ALA A 75 9.22 24.50 -9.38
C ALA A 75 10.38 25.45 -9.25
N TYR A 76 10.14 26.65 -8.72
CA TYR A 76 11.21 27.63 -8.51
C TYR A 76 10.74 28.59 -7.43
N GLY A 77 11.68 29.26 -6.79
CA GLY A 77 11.40 30.34 -5.89
C GLY A 77 12.67 30.90 -5.30
N GLY A 78 12.57 31.84 -4.35
CA GLY A 78 13.76 32.42 -3.82
C GLY A 78 13.57 33.31 -2.62
N PHE A 79 14.68 33.67 -2.00
CA PHE A 79 14.70 34.64 -0.92
C PHE A 79 15.41 35.90 -1.38
N THR A 80 15.10 37.04 -0.72
CA THR A 80 15.82 38.30 -0.89
C THR A 80 15.80 39.09 0.39
N TYR A 81 16.80 39.95 0.57
CA TYR A 81 16.86 40.86 1.69
C TYR A 81 16.05 42.11 1.34
N SER A 82 15.72 42.87 2.40
CA SER A 82 14.88 44.05 2.26
C SER A 82 15.67 45.35 2.26
N SER A 83 16.99 45.25 2.41
N SER A 83 16.98 45.31 2.48
CA SER A 83 17.90 46.37 2.37
CA SER A 83 17.80 46.50 2.33
C SER A 83 18.83 46.28 1.16
C SER A 83 18.78 46.30 1.18
N LYS A 84 19.22 47.44 0.62
CA LYS A 84 20.02 47.41 -0.61
C LYS A 84 21.37 46.75 -0.34
N ILE A 85 22.00 47.14 0.78
CA ILE A 85 23.29 46.60 1.14
C ILE A 85 23.13 46.06 2.56
N PRO A 86 22.74 44.80 2.74
CA PRO A 86 22.58 44.28 4.10
C PRO A 86 23.83 44.41 4.96
N GLU A 87 23.65 44.75 6.24
CA GLU A 87 24.75 44.92 7.16
C GLU A 87 25.56 43.62 7.25
N ASN A 88 24.86 42.51 7.43
CA ASN A 88 25.52 41.21 7.37
C ASN A 88 24.47 40.20 6.92
N SER A 89 24.52 39.75 5.68
CA SER A 89 23.47 38.96 5.07
C SER A 89 23.19 37.73 5.92
N GLY A 90 21.96 37.69 6.41
CA GLY A 90 21.51 36.67 7.32
C GLY A 90 21.02 35.41 6.62
N ARG A 91 20.76 34.39 7.44
CA ARG A 91 20.30 33.11 6.92
C ARG A 91 18.78 33.11 6.77
N MET A 92 18.33 32.80 5.55
CA MET A 92 16.91 32.89 5.20
CA MET A 92 16.94 32.89 5.12
C MET A 92 16.45 31.50 4.73
N PRO A 93 15.87 30.71 5.66
CA PRO A 93 15.48 29.35 5.33
C PRO A 93 14.57 29.24 4.14
N PHE A 94 14.75 28.17 3.34
CA PHE A 94 14.05 28.03 2.07
C PHE A 94 13.64 26.58 1.86
N THR A 95 12.37 26.36 1.49
CA THR A 95 11.87 25.05 1.10
C THR A 95 11.04 25.26 -0.17
N LEU A 96 11.02 24.22 -1.03
CA LEU A 96 10.33 24.23 -2.29
C LEU A 96 9.75 22.84 -2.54
N VAL A 97 8.48 22.75 -2.97
CA VAL A 97 7.80 21.48 -3.16
C VAL A 97 7.23 21.40 -4.56
N ALA A 98 7.52 20.29 -5.24
CA ALA A 98 7.12 20.04 -6.61
C ALA A 98 6.53 18.63 -6.74
N ARG A 99 5.97 18.35 -7.90
CA ARG A 99 5.51 17.01 -8.22
CA ARG A 99 5.42 17.06 -8.27
C ARG A 99 6.00 16.61 -9.61
N TYR A 100 6.12 15.31 -9.81
CA TYR A 100 6.50 14.81 -11.14
C TYR A 100 5.86 13.46 -11.41
N SER A 101 5.20 13.34 -12.55
CA SER A 101 4.79 12.06 -13.11
C SER A 101 5.99 11.30 -13.67
N LEU A 102 6.20 10.06 -13.17
CA LEU A 102 7.34 9.24 -13.57
C LEU A 102 7.05 8.40 -14.81
N ALA A 103 6.12 8.86 -15.66
CA ALA A 103 5.81 8.20 -16.92
C ALA A 103 6.97 8.31 -17.88
N SER A 104 7.76 9.38 -17.80
CA SER A 104 8.83 9.61 -18.76
C SER A 104 10.06 8.80 -18.38
N ASN A 105 11.08 8.94 -19.22
CA ASN A 105 12.36 8.30 -19.01
C ASN A 105 13.27 9.05 -18.04
N VAL A 106 12.77 10.10 -17.37
CA VAL A 106 13.58 10.85 -16.45
C VAL A 106 14.18 9.92 -15.40
N SER A 107 15.47 10.05 -15.16
CA SER A 107 16.16 9.27 -14.13
C SER A 107 16.78 10.11 -13.02
N THR A 108 16.85 11.43 -13.20
CA THR A 108 17.42 12.32 -12.19
C THR A 108 16.49 13.51 -12.01
N ILE A 109 16.19 13.82 -10.75
CA ILE A 109 15.49 15.03 -10.36
C ILE A 109 16.43 15.76 -9.42
N LYS A 110 16.77 17.03 -9.71
CA LYS A 110 17.85 17.68 -9.01
C LYS A 110 17.54 19.13 -8.69
N ALA A 111 18.34 19.68 -7.78
CA ALA A 111 18.26 21.07 -7.40
C ALA A 111 19.21 21.94 -8.21
N GLN A 112 18.74 23.13 -8.53
CA GLN A 112 19.53 24.14 -9.17
C GLN A 112 19.42 25.43 -8.38
N TRP A 113 20.35 26.34 -8.63
CA TRP A 113 20.32 27.67 -8.02
C TRP A 113 20.83 28.70 -8.98
N SER A 114 20.48 29.95 -8.68
CA SER A 114 20.98 31.08 -9.44
C SER A 114 20.94 32.31 -8.55
N ASN A 115 21.62 33.34 -8.97
CA ASN A 115 21.69 34.59 -8.22
C ASN A 115 20.57 35.54 -8.64
N ILE A 116 20.60 36.75 -8.02
CA ILE A 116 19.70 37.80 -8.44
C ILE A 116 20.44 39.13 -8.24
N ARG A 117 20.26 40.05 -9.20
CA ARG A 117 20.85 41.37 -9.11
C ARG A 117 22.37 41.34 -8.83
N GLY A 118 23.07 40.33 -9.38
CA GLY A 118 24.53 40.26 -9.30
C GLY A 118 25.04 39.74 -7.94
N SER A 119 24.15 39.13 -7.15
CA SER A 119 24.53 38.58 -5.87
C SER A 119 25.45 37.35 -6.05
N THR A 120 26.00 36.90 -4.92
CA THR A 120 26.58 35.59 -4.77
C THR A 120 25.79 34.82 -3.70
N VAL A 121 25.30 33.66 -4.08
CA VAL A 121 24.51 32.82 -3.18
C VAL A 121 25.47 31.82 -2.54
N HIS A 122 25.24 31.44 -1.28
CA HIS A 122 26.09 30.60 -0.49
C HIS A 122 25.31 29.53 0.28
N ILE A 123 25.87 28.33 0.29
CA ILE A 123 25.47 27.22 1.16
C ILE A 123 26.71 26.67 1.83
N ASP A 124 26.70 26.58 3.16
CA ASP A 124 27.84 26.11 3.91
C ASP A 124 27.44 25.12 5.00
N SER A 125 26.26 24.53 4.85
CA SER A 125 25.70 23.66 5.86
C SER A 125 24.62 22.78 5.27
N TYR A 126 24.06 21.92 6.10
CA TYR A 126 23.13 20.88 5.68
C TYR A 126 22.04 21.43 4.77
N ALA A 127 21.74 20.65 3.74
CA ALA A 127 20.65 20.87 2.81
C ALA A 127 20.26 19.51 2.26
N SER A 128 18.99 19.36 1.82
CA SER A 128 18.53 18.08 1.34
C SER A 128 17.54 18.21 0.19
N ILE A 129 17.41 17.13 -0.57
CA ILE A 129 16.35 16.97 -1.56
C ILE A 129 15.78 15.58 -1.37
N SER A 130 14.46 15.47 -1.45
CA SER A 130 13.78 14.23 -1.07
C SER A 130 12.53 14.06 -1.90
N ALA A 131 12.07 12.81 -2.02
CA ALA A 131 10.79 12.56 -2.63
C ALA A 131 10.09 11.39 -1.97
N VAL A 132 8.77 11.52 -1.96
CA VAL A 132 7.87 10.42 -1.67
C VAL A 132 7.32 9.93 -3.00
N ILE A 133 7.49 8.63 -3.28
CA ILE A 133 7.03 8.02 -4.51
C ILE A 133 5.85 7.10 -4.20
N GLN A 134 4.73 7.34 -4.88
CA GLN A 134 3.50 6.60 -4.61
C GLN A 134 2.88 6.17 -5.93
N CYS A 135 2.03 5.15 -5.85
CA CYS A 135 1.17 4.75 -6.93
C CYS A 135 0.02 5.75 -7.05
N ASN A 136 -0.36 6.08 -8.28
CA ASN A 136 -1.28 7.18 -8.60
C ASN A 136 -2.64 7.03 -7.93
N GLN A 137 -3.09 5.77 -7.75
CA GLN A 137 -4.25 5.42 -6.94
C GLN A 137 -3.77 4.56 -5.74
N SER B 2 2.73 5.20 6.32
CA SER B 2 1.94 5.76 7.43
C SER B 2 2.49 7.13 7.75
N ILE B 3 1.73 7.85 8.56
CA ILE B 3 2.07 9.19 9.03
C ILE B 3 2.18 9.19 10.53
N VAL B 4 3.22 9.82 11.05
CA VAL B 4 3.34 10.15 12.46
C VAL B 4 3.43 11.66 12.55
N PHE B 5 2.82 12.27 13.57
CA PHE B 5 2.63 13.71 13.62
C PHE B 5 2.55 14.15 15.07
N ALA B 6 3.20 15.27 15.40
CA ALA B 6 3.02 15.97 16.66
C ALA B 6 3.07 17.48 16.40
N SER B 7 2.15 18.21 17.04
CA SER B 7 2.14 19.66 16.98
C SER B 7 2.10 20.26 18.37
N ILE B 8 2.50 21.51 18.43
CA ILE B 8 2.35 22.39 19.59
C ILE B 8 1.72 23.69 19.12
N ASP B 9 1.16 24.42 20.09
CA ASP B 9 0.76 25.77 19.80
C ASP B 9 0.80 26.53 21.11
N PRO B 10 2.00 26.98 21.51
CA PRO B 10 2.21 27.52 22.86
C PRO B 10 1.87 28.99 23.02
N ARG B 11 0.72 29.42 22.48
CA ARG B 11 0.27 30.80 22.59
CA ARG B 11 0.24 30.79 22.58
C ARG B 11 0.16 31.25 24.04
N SER B 12 -0.46 30.43 24.89
CA SER B 12 -0.76 30.86 26.24
C SER B 12 0.50 30.80 27.15
N ASN B 13 1.46 29.94 26.81
CA ASN B 13 2.70 29.81 27.55
C ASN B 13 3.87 29.63 26.56
N PRO B 14 4.33 30.73 25.94
CA PRO B 14 5.35 30.63 24.89
C PRO B 14 6.63 29.94 25.34
N LEU B 15 7.31 29.33 24.37
CA LEU B 15 8.58 28.67 24.63
C LEU B 15 9.71 29.62 24.26
N GLN B 16 10.83 29.46 24.97
CA GLN B 16 12.02 30.21 24.65
C GLN B 16 13.27 29.43 25.03
N THR B 17 14.40 29.77 24.39
CA THR B 17 15.69 29.25 24.84
C THR B 17 16.79 30.28 24.59
N SER B 18 17.72 30.34 25.56
CA SER B 18 19.00 31.03 25.43
CA SER B 18 19.00 31.01 25.32
C SER B 18 20.14 30.01 25.49
N SER B 19 19.85 28.71 25.23
CA SER B 19 20.85 27.66 25.31
C SER B 19 21.76 27.67 24.09
N GLN B 20 23.08 27.73 24.28
CA GLN B 20 24.02 27.65 23.16
C GLN B 20 24.11 26.23 22.62
N ASN B 21 23.67 25.24 23.40
CA ASN B 21 23.65 23.85 23.00
C ASN B 21 22.24 23.45 22.59
N TYR B 22 22.11 22.52 21.64
CA TYR B 22 20.81 22.06 21.23
C TYR B 22 20.13 21.36 22.39
N VAL B 23 18.85 21.75 22.60
CA VAL B 23 18.00 21.16 23.63
C VAL B 23 16.64 20.89 23.01
N ASP B 24 15.93 19.94 23.61
CA ASP B 24 14.64 19.54 23.12
C ASP B 24 13.68 20.72 23.10
N ILE B 25 12.88 20.75 22.05
CA ILE B 25 11.69 21.57 22.04
C ILE B 25 10.59 20.72 22.63
N PRO B 26 10.03 21.02 23.82
CA PRO B 26 9.04 20.11 24.42
C PRO B 26 7.78 20.02 23.56
N GLY B 27 7.33 18.80 23.33
CA GLY B 27 6.13 18.53 22.57
C GLY B 27 6.40 18.20 21.10
N LEU B 28 7.62 18.46 20.59
CA LEU B 28 7.91 18.12 19.20
C LEU B 28 8.74 16.84 19.09
N LYS B 29 8.09 15.73 19.41
CA LYS B 29 8.70 14.41 19.50
C LYS B 29 7.78 13.45 18.76
N LEU B 30 8.37 12.54 18.01
CA LEU B 30 7.71 11.45 17.32
C LEU B 30 8.18 10.16 17.96
N ASP B 31 7.22 9.34 18.35
CA ASP B 31 7.48 7.96 18.74
C ASP B 31 7.47 7.04 17.54
N VAL B 32 8.63 6.42 17.23
CA VAL B 32 8.79 5.47 16.13
C VAL B 32 9.10 4.05 16.65
N SER B 33 8.80 3.81 17.95
CA SER B 33 9.10 2.54 18.62
CA SER B 33 9.08 2.55 18.63
C SER B 33 8.55 1.35 17.85
N LYS B 34 7.38 1.52 17.23
CA LYS B 34 6.69 0.42 16.60
C LYS B 34 7.40 0.01 15.31
N TYR B 35 8.29 0.88 14.82
CA TYR B 35 8.94 0.71 13.52
C TYR B 35 10.42 0.40 13.70
N SER B 36 10.91 0.40 14.96
CA SER B 36 12.33 0.17 15.24
C SER B 36 12.79 -1.21 14.78
N ASN B 37 14.11 -1.35 14.57
CA ASN B 37 14.70 -2.63 14.22
C ASN B 37 14.04 -3.21 12.96
N SER B 38 13.77 -2.34 11.99
CA SER B 38 13.14 -2.74 10.74
C SER B 38 14.06 -2.36 9.59
N PRO B 39 14.81 -3.31 9.01
CA PRO B 39 15.65 -3.00 7.86
C PRO B 39 14.78 -2.31 6.81
N CYS B 40 13.50 -2.67 6.80
N CYS B 40 13.52 -2.70 6.75
CA CYS B 40 12.62 -2.49 5.64
CA CYS B 40 12.69 -2.45 5.58
C CYS B 40 11.93 -1.12 5.58
C CYS B 40 12.17 -1.01 5.47
N LEU B 41 12.16 -0.27 6.57
CA LEU B 41 11.43 0.98 6.65
C LEU B 41 12.36 2.17 6.77
N THR B 42 11.88 3.27 6.16
CA THR B 42 12.55 4.55 6.26
C THR B 42 11.51 5.61 6.62
N ALA B 43 11.98 6.58 7.37
CA ALA B 43 11.20 7.76 7.74
C ALA B 43 11.74 9.01 7.03
N LEU B 44 10.83 9.80 6.45
CA LEU B 44 11.12 11.13 5.97
C LEU B 44 10.48 12.13 6.94
N ILE B 45 11.32 12.90 7.62
CA ILE B 45 10.89 13.72 8.74
C ILE B 45 10.95 15.19 8.39
N THR B 46 9.85 15.91 8.65
CA THR B 46 9.80 17.34 8.42
C THR B 46 9.51 18.10 9.70
N LEU B 47 10.41 19.00 10.08
CA LEU B 47 10.21 19.92 11.19
C LEU B 47 9.76 21.24 10.62
N ASN B 48 8.59 21.71 11.05
CA ASN B 48 7.98 22.93 10.52
C ASN B 48 7.76 23.91 11.65
N ILE B 49 8.53 24.99 11.69
CA ILE B 49 8.45 26.06 12.68
CA ILE B 49 8.36 26.04 12.68
C ILE B 49 8.12 27.31 11.88
N PRO B 50 6.85 27.53 11.52
CA PRO B 50 6.52 28.56 10.55
C PRO B 50 6.66 29.99 11.01
N THR B 51 6.73 30.20 12.33
CA THR B 51 6.61 31.57 12.81
C THR B 51 7.52 31.86 14.00
N PRO B 52 8.81 31.47 13.97
CA PRO B 52 9.71 31.77 15.10
C PRO B 52 10.32 33.18 14.98
N TYR B 53 10.92 33.61 16.07
CA TYR B 53 11.74 34.81 16.04
C TYR B 53 12.82 34.69 17.10
N ALA B 54 13.76 35.62 17.05
CA ALA B 54 14.84 35.61 18.03
C ALA B 54 15.16 37.04 18.44
N SER B 55 15.36 37.23 19.73
N SER B 55 15.38 37.22 19.74
CA SER B 55 15.70 38.54 20.27
CA SER B 55 15.73 38.49 20.34
C SER B 55 17.19 38.58 20.62
C SER B 55 17.24 38.55 20.54
N GLY B 56 17.80 39.77 20.53
CA GLY B 56 19.20 39.95 20.82
C GLY B 56 19.76 41.19 20.18
N ASN B 57 21.04 41.44 20.45
CA ASN B 57 21.68 42.62 19.90
C ASN B 57 23.04 42.32 19.28
N ASN B 58 23.23 41.09 18.79
CA ASN B 58 24.41 40.77 18.02
C ASN B 58 24.09 39.83 16.85
N PHE B 59 23.31 40.37 15.91
CA PHE B 59 22.79 39.61 14.79
C PHE B 59 22.11 38.36 15.29
N PRO B 60 20.97 38.49 16.00
CA PRO B 60 20.34 37.32 16.57
C PRO B 60 19.79 36.35 15.54
N GLY B 61 19.51 35.14 16.02
CA GLY B 61 18.90 34.13 15.20
C GLY B 61 18.59 32.89 16.05
N GLY B 62 18.18 31.82 15.40
CA GLY B 62 17.90 30.56 16.08
C GLY B 62 18.29 29.39 15.17
N ASN B 63 18.69 28.29 15.81
CA ASN B 63 19.06 27.07 15.13
C ASN B 63 18.13 25.95 15.57
N PHE B 64 17.88 25.01 14.67
CA PHE B 64 16.99 23.87 14.90
C PHE B 64 17.61 22.61 14.33
N ALA B 65 17.32 21.50 14.96
CA ALA B 65 17.82 20.22 14.53
C ALA B 65 16.74 19.15 14.71
N ILE B 66 16.91 18.06 13.95
CA ILE B 66 16.16 16.83 14.11
C ILE B 66 17.12 15.77 14.61
N VAL B 67 16.78 15.14 15.74
CA VAL B 67 17.73 14.27 16.41
CA VAL B 67 17.70 14.31 16.49
C VAL B 67 17.04 12.98 16.86
N THR B 68 17.84 11.91 16.97
CA THR B 68 17.33 10.66 17.51
C THR B 68 17.46 10.63 19.03
N ASP B 69 16.83 9.63 19.64
CA ASP B 69 16.98 9.42 21.08
C ASP B 69 18.43 9.07 21.49
N GLN B 70 19.30 8.65 20.56
CA GLN B 70 20.72 8.41 20.85
C GLN B 70 21.56 9.68 20.67
N GLY B 71 20.93 10.81 20.34
CA GLY B 71 21.63 12.08 20.20
C GLY B 71 22.24 12.28 18.82
N GLU B 72 21.83 11.49 17.83
CA GLU B 72 22.41 11.65 16.50
C GLU B 72 21.66 12.77 15.79
N GLN B 73 22.42 13.73 15.28
CA GLN B 73 21.84 14.87 14.62
C GLN B 73 21.64 14.51 13.14
N LEU B 74 20.38 14.43 12.71
CA LEU B 74 20.05 13.99 11.36
C LEU B 74 20.04 15.14 10.37
N ALA B 75 19.79 16.34 10.90
CA ALA B 75 19.65 17.54 10.07
C ALA B 75 19.73 18.73 11.01
N TYR B 76 20.15 19.88 10.48
CA TYR B 76 20.21 21.09 11.27
C TYR B 76 20.14 22.29 10.34
N GLY B 77 19.73 23.44 10.85
CA GLY B 77 19.84 24.68 10.12
C GLY B 77 19.27 25.83 10.97
N GLY B 78 19.17 27.01 10.39
CA GLY B 78 18.70 28.11 11.20
C GLY B 78 18.43 29.38 10.42
N PHE B 79 17.85 30.35 11.14
CA PHE B 79 17.64 31.66 10.60
C PHE B 79 18.47 32.68 11.37
N THR B 80 18.85 33.77 10.66
CA THR B 80 19.40 34.95 11.33
C THR B 80 18.90 36.23 10.66
N TYR B 81 18.96 37.32 11.46
CA TYR B 81 18.66 38.64 10.93
C TYR B 81 19.90 39.26 10.32
N SER B 82 19.64 40.26 9.48
CA SER B 82 20.69 40.90 8.71
C SER B 82 21.19 42.20 9.31
N SER B 83 20.59 42.59 10.44
N SER B 83 20.60 42.66 10.41
CA SER B 83 20.94 43.78 11.19
CA SER B 83 21.13 43.81 11.11
C SER B 83 21.49 43.34 12.56
C SER B 83 21.44 43.42 12.55
N LYS B 84 22.37 44.17 13.14
CA LYS B 84 22.98 43.78 14.40
C LYS B 84 21.95 43.78 15.52
N ILE B 85 21.12 44.81 15.52
CA ILE B 85 20.10 44.96 16.55
C ILE B 85 18.79 45.18 15.84
N PRO B 86 18.03 44.14 15.47
CA PRO B 86 16.80 44.33 14.71
C PRO B 86 15.85 45.26 15.46
N GLU B 87 15.21 46.18 14.74
CA GLU B 87 14.25 47.10 15.34
C GLU B 87 13.17 46.31 16.10
N ASN B 88 12.56 45.31 15.45
CA ASN B 88 11.59 44.44 16.11
C ASN B 88 11.65 43.07 15.43
N SER B 89 12.38 42.15 16.05
CA SER B 89 12.72 40.90 15.41
C SER B 89 11.49 40.24 14.79
N GLY B 90 11.54 40.09 13.47
CA GLY B 90 10.42 39.56 12.72
C GLY B 90 10.38 38.03 12.66
N ARG B 91 9.26 37.54 12.16
CA ARG B 91 9.01 36.12 12.07
C ARG B 91 9.65 35.59 10.78
N MET B 92 10.54 34.61 10.96
CA MET B 92 11.34 34.03 9.89
CA MET B 92 11.39 34.01 9.95
C MET B 92 11.01 32.54 9.76
N PRO B 93 10.05 32.20 8.86
CA PRO B 93 9.61 30.82 8.75
C PRO B 93 10.76 29.85 8.53
N PHE B 94 10.63 28.65 9.14
CA PHE B 94 11.69 27.66 9.12
C PHE B 94 11.13 26.27 8.91
N THR B 95 11.69 25.52 7.95
CA THR B 95 11.38 24.12 7.72
C THR B 95 12.70 23.36 7.53
N LEU B 96 12.74 22.11 8.00
CA LEU B 96 13.93 21.25 7.96
C LEU B 96 13.47 19.84 7.63
N VAL B 97 14.17 19.15 6.72
CA VAL B 97 13.81 17.81 6.28
C VAL B 97 14.97 16.85 6.45
N ALA B 98 14.72 15.74 7.12
CA ALA B 98 15.69 14.69 7.41
C ALA B 98 15.15 13.33 6.98
N ARG B 99 16.08 12.36 6.90
CA ARG B 99 15.73 10.98 6.60
C ARG B 99 16.36 10.09 7.67
N TYR B 100 15.67 9.03 8.06
CA TYR B 100 16.25 8.06 8.96
C TYR B 100 15.80 6.65 8.59
N SER B 101 16.80 5.78 8.36
CA SER B 101 16.60 4.34 8.21
C SER B 101 16.15 3.83 9.56
N LEU B 102 15.08 3.06 9.60
CA LEU B 102 14.60 2.53 10.85
C LEU B 102 15.21 1.15 11.16
N ALA B 103 16.38 0.83 10.60
CA ALA B 103 17.07 -0.43 10.90
C ALA B 103 17.55 -0.53 12.33
N SER B 104 17.92 0.61 12.97
CA SER B 104 18.51 0.56 14.29
C SER B 104 17.40 0.51 15.35
N ASN B 105 17.85 0.47 16.61
CA ASN B 105 17.00 0.37 17.76
C ASN B 105 16.44 1.71 18.26
N VAL B 106 16.36 2.69 17.39
CA VAL B 106 15.83 4.01 17.72
C VAL B 106 14.34 3.97 18.06
N SER B 107 13.91 4.76 19.07
CA SER B 107 12.51 4.82 19.47
C SER B 107 11.87 6.22 19.36
N THR B 108 12.70 7.27 19.34
CA THR B 108 12.19 8.65 19.26
C THR B 108 12.98 9.48 18.26
N ILE B 109 12.26 10.29 17.46
CA ILE B 109 12.86 11.33 16.64
C ILE B 109 12.25 12.65 17.08
N LYS B 110 13.10 13.62 17.40
CA LYS B 110 12.61 14.82 18.05
C LYS B 110 13.27 16.10 17.49
N ALA B 111 12.64 17.23 17.82
CA ALA B 111 13.21 18.52 17.48
C ALA B 111 14.02 19.09 18.62
N GLN B 112 15.08 19.78 18.24
CA GLN B 112 15.88 20.54 19.18
C GLN B 112 16.12 21.94 18.63
N TRP B 113 16.51 22.85 19.53
CA TRP B 113 16.85 24.21 19.17
C TRP B 113 17.99 24.72 20.03
N SER B 114 18.62 25.77 19.52
CA SER B 114 19.68 26.45 20.22
C SER B 114 19.77 27.89 19.68
N ASN B 115 20.46 28.72 20.47
CA ASN B 115 20.58 30.12 20.13
C ASN B 115 21.84 30.38 19.30
N ILE B 116 22.11 31.65 19.01
CA ILE B 116 23.31 32.06 18.32
C ILE B 116 23.66 33.45 18.84
N ARG B 117 24.96 33.67 19.08
CA ARG B 117 25.45 34.96 19.55
C ARG B 117 24.61 35.54 20.70
N GLY B 118 24.27 34.68 21.66
CA GLY B 118 23.59 35.07 22.87
C GLY B 118 22.13 35.48 22.72
N SER B 119 21.51 35.13 21.59
CA SER B 119 20.11 35.40 21.35
C SER B 119 19.19 34.61 22.28
N THR B 120 17.92 35.00 22.26
CA THR B 120 16.87 34.16 22.81
C THR B 120 15.90 33.80 21.68
N VAL B 121 15.68 32.51 21.45
CA VAL B 121 14.79 32.05 20.41
C VAL B 121 13.40 31.87 21.02
N HIS B 122 12.36 32.14 20.23
CA HIS B 122 10.99 32.13 20.69
C HIS B 122 10.06 31.40 19.73
N ILE B 123 9.12 30.63 20.31
CA ILE B 123 7.99 30.04 19.59
C ILE B 123 6.74 30.31 20.44
N ASP B 124 5.75 30.93 19.81
CA ASP B 124 4.52 31.31 20.48
C ASP B 124 3.28 30.94 19.67
N SER B 125 3.41 29.99 18.77
CA SER B 125 2.32 29.66 17.88
C SER B 125 2.59 28.30 17.24
N TYR B 126 1.67 27.89 16.39
CA TYR B 126 1.65 26.59 15.78
CA TYR B 126 1.66 26.56 15.82
C TYR B 126 3.01 26.18 15.21
N ALA B 127 3.43 24.94 15.52
CA ALA B 127 4.61 24.31 14.95
C ALA B 127 4.38 22.80 14.97
N SER B 128 5.06 22.05 14.09
CA SER B 128 4.85 20.63 14.03
C SER B 128 6.11 19.88 13.64
N ILE B 129 6.12 18.58 13.97
CA ILE B 129 7.08 17.66 13.42
C ILE B 129 6.29 16.46 12.93
N SER B 130 6.70 15.92 11.77
CA SER B 130 5.95 14.85 11.15
C SER B 130 6.87 13.93 10.34
N ALA B 131 6.38 12.73 10.10
CA ALA B 131 7.13 11.82 9.26
C ALA B 131 6.18 11.00 8.42
N VAL B 132 6.64 10.69 7.20
CA VAL B 132 6.09 9.65 6.35
C VAL B 132 7.01 8.44 6.47
N ILE B 133 6.44 7.30 6.85
CA ILE B 133 7.19 6.06 6.99
C ILE B 133 6.76 5.14 5.88
N GLN B 134 7.75 4.64 5.14
N GLN B 134 7.71 4.63 5.12
CA GLN B 134 7.52 3.83 3.96
CA GLN B 134 7.38 3.77 4.00
C GLN B 134 8.39 2.58 4.00
C GLN B 134 8.42 2.68 3.81
N CYS B 135 7.93 1.56 3.28
CA CYS B 135 8.76 0.43 2.90
CA CYS B 135 8.78 0.44 2.91
C CYS B 135 9.70 0.93 1.81
N ASN B 136 10.96 0.50 1.87
CA ASN B 136 11.93 0.83 0.80
C ASN B 136 11.52 0.22 -0.55
N GLN B 137 10.68 -0.82 -0.53
CA GLN B 137 10.10 -1.45 -1.70
C GLN B 137 8.64 -1.05 -1.88
N LEU B 138 8.31 -0.41 -3.02
CA LEU B 138 6.95 0.02 -3.29
C LEU B 138 6.20 -1.08 -4.05
N VAL B 139 5.21 -1.69 -3.38
CA VAL B 139 4.38 -2.77 -3.89
C VAL B 139 2.91 -2.46 -3.48
N SER C 2 -1.07 7.80 -1.42
CA SER C 2 -1.23 8.53 -2.70
C SER C 2 -0.84 9.97 -2.43
N ILE C 3 -0.66 10.71 -3.53
CA ILE C 3 -0.31 12.10 -3.54
C ILE C 3 -1.45 12.88 -4.18
N VAL C 4 -1.77 14.02 -3.56
CA VAL C 4 -2.61 15.04 -4.17
C VAL C 4 -1.80 16.34 -4.21
N PHE C 5 -2.02 17.15 -5.24
CA PHE C 5 -1.17 18.29 -5.48
C PHE C 5 -1.86 19.33 -6.36
N ALA C 6 -1.63 20.62 -6.03
CA ALA C 6 -2.02 21.70 -6.89
C ALA C 6 -0.93 22.77 -6.82
N SER C 7 -0.72 23.49 -7.91
CA SER C 7 0.22 24.59 -7.93
C SER C 7 -0.35 25.74 -8.74
N ILE C 8 0.20 26.93 -8.46
CA ILE C 8 -0.05 28.15 -9.23
C ILE C 8 1.28 28.79 -9.60
N ASP C 9 1.26 29.72 -10.55
CA ASP C 9 2.46 30.48 -10.93
C ASP C 9 1.95 31.79 -11.52
N PRO C 10 1.39 32.68 -10.67
CA PRO C 10 0.63 33.84 -11.15
C PRO C 10 1.52 35.02 -11.56
N ARG C 11 2.43 34.77 -12.49
CA ARG C 11 3.32 35.83 -12.97
C ARG C 11 2.58 36.91 -13.76
N SER C 12 1.72 36.51 -14.68
N SER C 12 1.61 36.46 -14.56
CA SER C 12 1.13 37.47 -15.60
CA SER C 12 0.92 37.33 -15.49
C SER C 12 0.08 38.32 -14.89
C SER C 12 -0.25 38.05 -14.83
N ASN C 13 -0.64 37.73 -13.93
N ASN C 13 -0.73 37.55 -13.68
CA ASN C 13 -1.64 38.40 -13.10
CA ASN C 13 -1.79 38.26 -13.00
C ASN C 13 -1.41 38.06 -11.63
C ASN C 13 -1.56 38.13 -11.49
N PRO C 14 -0.56 38.83 -10.92
CA PRO C 14 -0.19 38.55 -9.54
C PRO C 14 -1.36 38.58 -8.56
N LEU C 15 -1.20 37.82 -7.47
CA LEU C 15 -2.19 37.82 -6.42
C LEU C 15 -1.77 38.72 -5.27
N GLN C 16 -2.77 39.28 -4.60
CA GLN C 16 -2.54 40.07 -3.40
C GLN C 16 -3.79 40.10 -2.54
N THR C 17 -3.57 40.41 -1.26
CA THR C 17 -4.69 40.69 -0.36
C THR C 17 -4.23 41.70 0.67
N SER C 18 -5.21 42.47 1.14
N SER C 18 -5.20 42.51 1.08
CA SER C 18 -5.07 43.38 2.26
CA SER C 18 -5.10 43.41 2.22
C SER C 18 -6.11 43.09 3.34
C SER C 18 -6.22 43.15 3.23
N SER C 19 -6.70 41.90 3.26
CA SER C 19 -7.70 41.48 4.22
C SER C 19 -7.09 41.13 5.57
N GLN C 20 -7.65 41.66 6.64
CA GLN C 20 -7.32 41.29 8.00
C GLN C 20 -7.79 39.89 8.35
N ASN C 21 -8.85 39.43 7.70
CA ASN C 21 -9.39 38.09 7.89
C ASN C 21 -8.89 37.17 6.79
N TYR C 22 -8.74 35.90 7.13
CA TYR C 22 -8.27 34.91 6.17
C TYR C 22 -9.24 34.80 5.00
N VAL C 23 -8.68 34.84 3.78
CA VAL C 23 -9.40 34.69 2.54
C VAL C 23 -8.66 33.65 1.72
N ASP C 24 -9.35 33.08 0.73
CA ASP C 24 -8.74 32.07 -0.13
C ASP C 24 -7.63 32.63 -1.00
N ILE C 25 -6.56 31.84 -1.16
CA ILE C 25 -5.58 32.10 -2.22
C ILE C 25 -6.09 31.39 -3.47
N PRO C 26 -6.48 32.12 -4.53
CA PRO C 26 -6.98 31.52 -5.77
C PRO C 26 -6.08 30.42 -6.32
N GLY C 27 -6.67 29.24 -6.54
CA GLY C 27 -6.01 28.14 -7.23
C GLY C 27 -5.27 27.17 -6.29
N LEU C 28 -5.04 27.56 -5.03
CA LEU C 28 -4.25 26.70 -4.17
C LEU C 28 -5.18 25.90 -3.27
N LYS C 29 -5.77 24.88 -3.89
CA LYS C 29 -6.79 24.04 -3.30
C LYS C 29 -6.51 22.60 -3.75
N LEU C 30 -6.66 21.66 -2.80
CA LEU C 30 -6.59 20.22 -3.05
C LEU C 30 -7.99 19.65 -3.11
N ASP C 31 -8.21 18.79 -4.10
CA ASP C 31 -9.43 18.03 -4.22
C ASP C 31 -9.19 16.68 -3.58
N VAL C 32 -9.79 16.48 -2.42
CA VAL C 32 -9.69 15.22 -1.69
C VAL C 32 -11.01 14.43 -1.76
N SER C 33 -11.91 14.80 -2.70
N SER C 33 -11.87 14.73 -2.75
CA SER C 33 -13.21 14.16 -2.90
CA SER C 33 -13.22 14.16 -2.80
C SER C 33 -13.12 12.63 -2.81
C SER C 33 -13.21 12.63 -2.94
N LYS C 34 -12.14 12.06 -3.53
CA LYS C 34 -12.05 10.63 -3.71
C LYS C 34 -11.81 9.96 -2.35
N TYR C 35 -11.33 10.73 -1.36
CA TYR C 35 -10.90 10.18 -0.09
C TYR C 35 -11.82 10.56 1.06
N SER C 36 -12.83 11.37 0.77
N SER C 36 -12.83 11.39 0.83
CA SER C 36 -13.81 11.80 1.75
CA SER C 36 -13.66 11.88 1.93
C SER C 36 -14.41 10.58 2.50
C SER C 36 -14.58 10.75 2.43
N ASN C 37 -14.89 10.79 3.73
CA ASN C 37 -15.73 9.78 4.40
C ASN C 37 -14.94 8.49 4.52
N SER C 38 -13.64 8.65 4.81
CA SER C 38 -12.78 7.50 4.99
C SER C 38 -12.14 7.59 6.36
N PRO C 39 -12.69 6.94 7.38
CA PRO C 39 -12.16 7.14 8.72
C PRO C 39 -10.79 6.55 8.96
N CYS C 40 -10.32 5.74 7.98
CA CYS C 40 -9.04 5.09 8.08
CA CYS C 40 -9.04 5.06 8.06
C CYS C 40 -7.95 5.81 7.29
N LEU C 41 -8.22 7.01 6.75
CA LEU C 41 -7.18 7.72 6.01
C LEU C 41 -6.85 9.02 6.74
N THR C 42 -5.57 9.40 6.62
CA THR C 42 -5.09 10.71 7.06
C THR C 42 -4.34 11.39 5.91
N ALA C 43 -4.48 12.71 5.80
CA ALA C 43 -3.68 13.55 4.92
C ALA C 43 -2.63 14.31 5.70
N LEU C 44 -1.40 14.29 5.20
CA LEU C 44 -0.32 15.13 5.70
C LEU C 44 -0.07 16.20 4.63
N ILE C 45 -0.40 17.45 4.97
CA ILE C 45 -0.58 18.51 4.00
C ILE C 45 0.52 19.55 4.15
N THR C 46 1.15 19.92 3.02
CA THR C 46 2.18 20.94 3.00
C THR C 46 1.79 22.08 2.08
N LEU C 47 1.77 23.30 2.62
CA LEU C 47 1.56 24.52 1.87
C LEU C 47 2.91 25.19 1.70
N ASN C 48 3.26 25.36 0.42
CA ASN C 48 4.59 25.88 0.07
C ASN C 48 4.42 27.20 -0.67
N ILE C 49 4.80 28.30 -0.02
N ILE C 49 4.83 28.30 -0.04
CA ILE C 49 4.76 29.64 -0.59
CA ILE C 49 4.76 29.59 -0.67
C ILE C 49 6.21 30.13 -0.58
C ILE C 49 6.17 30.16 -0.62
N PRO C 50 7.02 29.74 -1.57
CA PRO C 50 8.46 29.96 -1.45
C PRO C 50 8.89 31.41 -1.64
N THR C 51 8.04 32.28 -2.21
CA THR C 51 8.56 33.58 -2.63
C THR C 51 7.57 34.72 -2.38
N PRO C 52 6.91 34.79 -1.21
CA PRO C 52 5.97 35.89 -0.95
C PRO C 52 6.69 37.13 -0.50
N TYR C 53 5.95 38.25 -0.50
CA TYR C 53 6.41 39.45 0.18
C TYR C 53 5.18 40.19 0.68
N ALA C 54 5.43 41.20 1.52
CA ALA C 54 4.34 42.07 1.97
C ALA C 54 4.81 43.52 1.99
N SER C 55 3.94 44.38 1.46
CA SER C 55 4.21 45.80 1.42
CA SER C 55 4.18 45.80 1.41
C SER C 55 3.48 46.47 2.58
N GLY C 56 4.06 47.55 3.07
CA GLY C 56 3.44 48.36 4.09
C GLY C 56 4.43 49.17 4.90
N ASN C 57 3.89 49.86 5.92
CA ASN C 57 4.72 50.84 6.63
CA ASN C 57 4.65 50.88 6.62
C ASN C 57 4.63 50.67 8.14
N ASN C 58 4.19 49.48 8.61
CA ASN C 58 4.13 49.22 10.05
C ASN C 58 4.54 47.78 10.37
N PHE C 59 5.82 47.48 10.09
CA PHE C 59 6.34 46.13 10.20
C PHE C 59 5.45 45.18 9.43
N PRO C 60 5.41 45.29 8.10
CA PRO C 60 4.50 44.44 7.35
C PRO C 60 4.87 42.95 7.42
N GLY C 61 3.94 42.13 6.99
CA GLY C 61 4.09 40.70 6.91
C GLY C 61 2.86 40.08 6.32
N GLY C 62 2.84 38.75 6.30
CA GLY C 62 1.68 38.03 5.84
C GLY C 62 1.48 36.78 6.69
N ASN C 63 0.23 36.32 6.79
CA ASN C 63 -0.16 35.09 7.47
C ASN C 63 -0.80 34.15 6.45
N PHE C 64 -0.61 32.86 6.70
CA PHE C 64 -1.13 31.79 5.87
C PHE C 64 -1.75 30.72 6.76
N ALA C 65 -2.75 30.05 6.21
CA ALA C 65 -3.42 28.97 6.91
C ALA C 65 -3.77 27.86 5.92
N ILE C 66 -3.89 26.64 6.47
CA ILE C 66 -4.48 25.50 5.77
C ILE C 66 -5.86 25.27 6.38
N VAL C 67 -6.87 25.25 5.52
CA VAL C 67 -8.25 25.27 5.97
C VAL C 67 -9.05 24.25 5.17
N THR C 68 -10.02 23.60 5.82
CA THR C 68 -10.92 22.72 5.08
C THR C 68 -12.10 23.49 4.50
N ASP C 69 -12.87 22.85 3.63
CA ASP C 69 -14.06 23.48 3.09
C ASP C 69 -15.16 23.72 4.11
N GLN C 70 -15.04 23.14 5.30
CA GLN C 70 -15.97 23.40 6.39
C GLN C 70 -15.54 24.57 7.27
N GLY C 71 -14.40 25.18 6.96
CA GLY C 71 -13.86 26.32 7.70
C GLY C 71 -12.96 25.92 8.88
N GLU C 72 -12.52 24.65 8.95
CA GLU C 72 -11.64 24.19 10.00
C GLU C 72 -10.22 24.61 9.68
N GLN C 73 -9.68 25.46 10.53
CA GLN C 73 -8.32 25.91 10.38
C GLN C 73 -7.37 24.87 10.98
N LEU C 74 -6.55 24.22 10.12
CA LEU C 74 -5.75 23.13 10.59
C LEU C 74 -4.35 23.56 11.07
N ALA C 75 -3.85 24.68 10.57
CA ALA C 75 -2.51 25.15 10.86
C ALA C 75 -2.45 26.59 10.38
N TYR C 76 -1.53 27.37 10.96
CA TYR C 76 -1.38 28.76 10.55
C TYR C 76 0.04 29.19 10.90
N GLY C 77 0.53 30.24 10.23
CA GLY C 77 1.80 30.87 10.59
C GLY C 77 2.02 32.06 9.67
N GLY C 78 3.19 32.69 9.78
CA GLY C 78 3.42 33.84 8.92
C GLY C 78 4.85 34.33 9.00
N PHE C 79 5.13 35.31 8.13
CA PHE C 79 6.42 36.01 8.09
C PHE C 79 6.17 37.48 8.40
N THR C 80 7.20 38.16 8.95
CA THR C 80 7.18 39.60 9.08
C THR C 80 8.60 40.13 8.90
N TYR C 81 8.69 41.42 8.55
CA TYR C 81 9.96 42.10 8.46
C TYR C 81 10.32 42.71 9.80
N SER C 82 11.60 43.02 9.97
CA SER C 82 12.15 43.48 11.24
C SER C 82 12.27 44.99 11.35
N SER C 83 11.98 45.71 10.25
N SER C 83 12.00 45.73 10.27
CA SER C 83 12.01 47.17 10.21
CA SER C 83 12.01 47.18 10.33
C SER C 83 10.60 47.71 9.95
C SER C 83 10.63 47.71 9.98
N LYS C 84 10.33 48.90 10.49
CA LYS C 84 8.98 49.44 10.39
C LYS C 84 8.57 49.65 8.93
N ILE C 85 9.46 50.27 8.16
CA ILE C 85 9.27 50.54 6.75
C ILE C 85 10.43 49.91 6.00
N PRO C 86 10.29 48.67 5.54
CA PRO C 86 11.37 48.06 4.78
C PRO C 86 11.72 48.89 3.56
N GLU C 87 13.02 48.95 3.23
CA GLU C 87 13.43 49.72 2.05
C GLU C 87 12.75 49.20 0.78
N ASN C 88 12.85 47.89 0.57
CA ASN C 88 12.12 47.19 -0.48
C ASN C 88 11.79 45.81 0.06
N SER C 89 10.56 45.61 0.54
CA SER C 89 10.18 44.34 1.14
C SER C 89 10.62 43.14 0.30
N GLY C 90 11.43 42.31 0.91
CA GLY C 90 12.02 41.18 0.21
C GLY C 90 11.24 39.89 0.33
N ARG C 91 11.72 38.86 -0.35
CA ARG C 91 11.01 37.60 -0.43
C ARG C 91 11.40 36.69 0.73
N MET C 92 10.38 36.31 1.52
CA MET C 92 10.55 35.53 2.75
CA MET C 92 10.49 35.55 2.77
C MET C 92 9.88 34.17 2.61
N PRO C 93 10.64 33.13 2.22
CA PRO C 93 10.06 31.82 1.96
C PRO C 93 9.25 31.29 3.14
N PHE C 94 8.14 30.64 2.80
CA PHE C 94 7.17 30.17 3.80
C PHE C 94 6.71 28.76 3.46
N THR C 95 6.74 27.86 4.46
CA THR C 95 6.12 26.54 4.36
C THR C 95 5.36 26.25 5.65
N LEU C 96 4.26 25.50 5.50
CA LEU C 96 3.36 25.17 6.61
C LEU C 96 2.88 23.72 6.43
N VAL C 97 2.92 22.95 7.54
CA VAL C 97 2.51 21.55 7.50
C VAL C 97 1.34 21.33 8.44
N ALA C 98 0.35 20.58 8.01
CA ALA C 98 -0.84 20.24 8.78
C ALA C 98 -1.17 18.76 8.58
N ARG C 99 -2.09 18.26 9.39
CA ARG C 99 -2.66 16.94 9.19
C ARG C 99 -4.17 17.02 9.28
N TYR C 100 -4.82 16.07 8.63
CA TYR C 100 -6.28 16.00 8.67
C TYR C 100 -6.73 14.56 8.56
N SER C 101 -7.64 14.20 9.45
CA SER C 101 -8.40 12.95 9.35
C SER C 101 -9.50 13.07 8.30
N LEU C 102 -9.50 12.15 7.34
CA LEU C 102 -10.41 12.18 6.21
C LEU C 102 -11.74 11.50 6.54
N ALA C 103 -12.06 11.31 7.84
CA ALA C 103 -13.30 10.73 8.27
C ALA C 103 -14.50 11.55 7.82
N SER C 104 -14.33 12.87 7.72
CA SER C 104 -15.45 13.77 7.46
C SER C 104 -15.78 13.82 5.98
N ASN C 105 -16.81 14.62 5.65
CA ASN C 105 -17.21 14.81 4.26
C ASN C 105 -16.36 15.84 3.53
N VAL C 106 -15.33 16.42 4.16
CA VAL C 106 -14.52 17.44 3.51
C VAL C 106 -14.03 16.92 2.15
N SER C 107 -14.18 17.77 1.11
N SER C 107 -14.23 17.77 1.11
CA SER C 107 -13.78 17.43 -0.24
CA SER C 107 -13.81 17.46 -0.24
C SER C 107 -12.71 18.39 -0.75
C SER C 107 -12.62 18.32 -0.66
N THR C 108 -12.47 19.53 -0.09
CA THR C 108 -11.42 20.46 -0.49
C THR C 108 -10.63 20.85 0.76
N ILE C 109 -9.30 20.91 0.61
CA ILE C 109 -8.41 21.47 1.60
C ILE C 109 -7.66 22.58 0.90
N LYS C 110 -7.68 23.80 1.46
CA LYS C 110 -7.25 24.95 0.68
C LYS C 110 -6.34 25.86 1.50
N ALA C 111 -5.61 26.69 0.76
CA ALA C 111 -4.78 27.74 1.38
C ALA C 111 -5.58 29.01 1.57
N GLN C 112 -5.35 29.67 2.71
CA GLN C 112 -5.83 31.03 2.93
C GLN C 112 -4.67 31.93 3.34
N TRP C 113 -4.92 33.23 3.23
CA TRP C 113 -3.95 34.22 3.66
C TRP C 113 -4.66 35.44 4.23
N SER C 114 -3.92 36.18 5.03
CA SER C 114 -4.36 37.42 5.63
C SER C 114 -3.17 38.33 5.86
N ASN C 115 -3.44 39.60 6.12
CA ASN C 115 -2.39 40.58 6.27
C ASN C 115 -2.04 40.72 7.75
N ILE C 116 -1.17 41.66 8.04
CA ILE C 116 -0.90 42.05 9.41
C ILE C 116 -0.52 43.53 9.41
N ARG C 117 -1.04 44.24 10.41
CA ARG C 117 -0.79 45.66 10.58
C ARG C 117 -1.01 46.45 9.30
N GLY C 118 -2.09 46.12 8.59
CA GLY C 118 -2.50 46.90 7.42
C GLY C 118 -1.69 46.61 6.14
N SER C 119 -0.87 45.57 6.14
CA SER C 119 -0.03 45.25 4.99
C SER C 119 -0.86 44.81 3.79
N THR C 120 -0.18 44.67 2.65
CA THR C 120 -0.69 43.96 1.50
C THR C 120 0.28 42.81 1.19
N VAL C 121 -0.26 41.58 1.19
CA VAL C 121 0.53 40.37 0.94
C VAL C 121 0.47 40.08 -0.56
N HIS C 122 1.57 39.55 -1.09
CA HIS C 122 1.75 39.35 -2.54
C HIS C 122 2.34 37.99 -2.87
N ILE C 123 1.77 37.36 -3.92
CA ILE C 123 2.36 36.19 -4.56
C ILE C 123 2.35 36.41 -6.06
N ASP C 124 3.50 36.23 -6.74
CA ASP C 124 3.62 36.53 -8.15
C ASP C 124 4.45 35.45 -8.85
N SER C 125 4.57 34.28 -8.25
CA SER C 125 5.40 33.20 -8.76
C SER C 125 4.94 31.88 -8.14
N TYR C 126 5.62 30.81 -8.51
CA TYR C 126 5.24 29.47 -8.15
C TYR C 126 4.94 29.31 -6.66
N ALA C 127 3.83 28.59 -6.39
CA ALA C 127 3.48 28.13 -5.06
C ALA C 127 2.68 26.84 -5.19
N SER C 128 2.68 26.02 -4.14
CA SER C 128 2.02 24.73 -4.22
C SER C 128 1.35 24.37 -2.90
N ILE C 129 0.38 23.47 -3.05
CA ILE C 129 -0.17 22.79 -1.88
C ILE C 129 -0.23 21.30 -2.23
N SER C 130 0.07 20.44 -1.24
CA SER C 130 0.20 19.03 -1.52
C SER C 130 -0.16 18.22 -0.28
N ALA C 131 -0.47 16.96 -0.54
CA ALA C 131 -0.67 16.06 0.57
C ALA C 131 -0.25 14.66 0.24
N VAL C 132 0.27 13.96 1.26
CA VAL C 132 0.44 12.52 1.24
C VAL C 132 -0.70 11.92 2.04
N ILE C 133 -1.43 11.00 1.41
CA ILE C 133 -2.56 10.35 2.05
C ILE C 133 -2.18 8.90 2.34
N GLN C 134 -2.28 8.51 3.60
CA GLN C 134 -1.88 7.20 4.07
C GLN C 134 -2.96 6.57 4.94
N CYS C 135 -2.98 5.23 4.96
CA CYS C 135 -3.81 4.49 5.90
CA CYS C 135 -3.82 4.51 5.89
C CYS C 135 -3.31 4.78 7.30
N ASN C 136 -4.24 4.89 8.26
CA ASN C 136 -3.90 5.06 9.66
C ASN C 136 -3.17 3.80 10.17
N SER D 2 -6.55 -3.49 -1.00
CA SER D 2 -7.78 -3.56 -0.20
C SER D 2 -8.47 -4.86 -0.61
N ILE D 3 -9.50 -5.19 0.15
CA ILE D 3 -10.25 -6.41 0.03
C ILE D 3 -11.71 -6.06 -0.18
N VAL D 4 -12.31 -6.79 -1.12
N VAL D 4 -12.34 -6.75 -1.14
CA VAL D 4 -13.73 -6.77 -1.36
CA VAL D 4 -13.78 -6.70 -1.29
C VAL D 4 -14.20 -8.21 -1.17
C VAL D 4 -14.29 -8.14 -1.31
N PHE D 5 -15.40 -8.39 -0.64
CA PHE D 5 -15.84 -9.74 -0.29
C PHE D 5 -17.36 -9.85 -0.22
N ALA D 6 -17.90 -10.98 -0.67
CA ALA D 6 -19.29 -11.31 -0.43
C ALA D 6 -19.44 -12.80 -0.23
N SER D 7 -20.35 -13.21 0.64
CA SER D 7 -20.63 -14.62 0.87
C SER D 7 -22.12 -14.87 0.98
N ILE D 8 -22.48 -16.13 0.77
CA ILE D 8 -23.82 -16.65 0.95
C ILE D 8 -23.73 -17.92 1.80
N ASP D 9 -24.87 -18.33 2.36
CA ASP D 9 -24.96 -19.56 3.14
C ASP D 9 -26.38 -20.09 3.00
N PRO D 10 -26.80 -20.57 1.81
CA PRO D 10 -28.23 -20.80 1.53
C PRO D 10 -28.72 -22.16 2.02
N ARG D 11 -28.71 -22.34 3.33
CA ARG D 11 -29.14 -23.57 3.94
CA ARG D 11 -29.13 -23.58 3.96
C ARG D 11 -30.65 -23.75 3.91
N SER D 12 -31.39 -22.71 4.29
CA SER D 12 -32.84 -22.82 4.37
CA SER D 12 -32.84 -22.84 4.36
C SER D 12 -33.49 -22.84 2.98
N ASN D 13 -32.91 -22.06 2.05
CA ASN D 13 -33.42 -21.89 0.70
CA ASN D 13 -33.43 -21.96 0.70
C ASN D 13 -32.29 -22.22 -0.27
N PRO D 14 -31.99 -23.49 -0.52
CA PRO D 14 -30.85 -23.81 -1.36
C PRO D 14 -31.05 -23.24 -2.76
N LEU D 15 -29.91 -23.03 -3.41
CA LEU D 15 -29.87 -22.51 -4.77
C LEU D 15 -29.70 -23.68 -5.73
N GLN D 16 -30.26 -23.54 -6.93
CA GLN D 16 -30.05 -24.54 -7.94
C GLN D 16 -30.18 -23.89 -9.31
N THR D 17 -29.52 -24.50 -10.31
CA THR D 17 -29.76 -24.10 -11.70
C THR D 17 -29.74 -25.35 -12.59
N SER D 18 -30.58 -25.31 -13.62
CA SER D 18 -30.54 -26.24 -14.74
CA SER D 18 -30.48 -26.25 -14.73
C SER D 18 -30.31 -25.48 -16.03
N SER D 19 -29.80 -24.25 -15.91
CA SER D 19 -29.57 -23.41 -17.07
C SER D 19 -28.33 -23.85 -17.88
N GLN D 20 -28.51 -23.98 -19.18
CA GLN D 20 -27.41 -24.36 -20.04
C GLN D 20 -26.46 -23.19 -20.23
N ASN D 21 -27.00 -21.97 -20.21
CA ASN D 21 -26.19 -20.77 -20.31
C ASN D 21 -25.88 -20.27 -18.91
N TYR D 22 -24.75 -19.57 -18.77
CA TYR D 22 -24.38 -19.00 -17.50
C TYR D 22 -25.44 -17.99 -17.04
N VAL D 23 -25.78 -18.12 -15.76
CA VAL D 23 -26.64 -17.18 -15.06
C VAL D 23 -26.00 -16.85 -13.72
N ASP D 24 -26.39 -15.72 -13.16
CA ASP D 24 -25.81 -15.23 -11.94
C ASP D 24 -26.08 -16.21 -10.79
N ILE D 25 -25.11 -16.32 -9.89
CA ILE D 25 -25.35 -16.92 -8.57
C ILE D 25 -25.74 -15.76 -7.66
N PRO D 26 -27.01 -15.68 -7.19
CA PRO D 26 -27.43 -14.52 -6.40
C PRO D 26 -26.64 -14.38 -5.12
N GLY D 27 -26.16 -13.16 -4.85
CA GLY D 27 -25.40 -12.80 -3.67
C GLY D 27 -23.91 -12.88 -3.86
N LEU D 28 -23.40 -13.56 -4.90
CA LEU D 28 -21.97 -13.66 -5.09
C LEU D 28 -21.50 -12.61 -6.10
N LYS D 29 -21.56 -11.35 -5.66
CA LYS D 29 -21.22 -10.21 -6.52
C LYS D 29 -20.40 -9.24 -5.67
N LEU D 30 -19.40 -8.64 -6.34
CA LEU D 30 -18.53 -7.64 -5.75
C LEU D 30 -18.76 -6.31 -6.44
N ASP D 31 -19.04 -5.28 -5.64
CA ASP D 31 -19.14 -3.92 -6.09
C ASP D 31 -17.74 -3.33 -6.10
N VAL D 32 -17.25 -3.06 -7.30
CA VAL D 32 -15.96 -2.41 -7.44
C VAL D 32 -16.08 -0.99 -8.00
N SER D 33 -17.28 -0.39 -7.87
N SER D 33 -17.24 -0.35 -7.82
CA SER D 33 -17.51 0.95 -8.40
CA SER D 33 -17.49 0.96 -8.44
C SER D 33 -16.46 1.97 -7.93
C SER D 33 -16.65 2.10 -7.84
N LYS D 34 -16.06 1.88 -6.66
CA LYS D 34 -15.15 2.86 -6.07
C LYS D 34 -13.81 2.85 -6.82
N TYR D 35 -13.51 1.74 -7.52
CA TYR D 35 -12.22 1.50 -8.14
C TYR D 35 -12.29 1.60 -9.65
N SER D 36 -13.49 1.75 -10.21
CA SER D 36 -13.67 1.87 -11.66
C SER D 36 -12.75 2.95 -12.23
N ASN D 37 -12.40 2.83 -13.50
CA ASN D 37 -11.68 3.86 -14.22
C ASN D 37 -10.31 4.14 -13.61
N SER D 38 -9.62 3.11 -13.11
CA SER D 38 -8.35 3.27 -12.43
C SER D 38 -7.35 2.37 -13.13
N PRO D 39 -6.63 2.90 -14.15
CA PRO D 39 -5.78 2.05 -14.98
C PRO D 39 -4.60 1.47 -14.22
N CYS D 40 -4.33 2.05 -13.04
CA CYS D 40 -3.22 1.59 -12.22
C CYS D 40 -3.66 0.65 -11.10
N LEU D 41 -4.90 0.14 -11.12
CA LEU D 41 -5.34 -0.88 -10.16
C LEU D 41 -5.69 -2.18 -10.88
N THR D 42 -5.43 -3.28 -10.19
CA THR D 42 -5.82 -4.60 -10.64
C THR D 42 -6.48 -5.36 -9.49
N ALA D 43 -7.44 -6.22 -9.85
CA ALA D 43 -8.13 -7.08 -8.91
C ALA D 43 -7.75 -8.54 -9.18
N LEU D 44 -7.46 -9.27 -8.10
CA LEU D 44 -7.26 -10.69 -8.17
C LEU D 44 -8.48 -11.30 -7.48
N ILE D 45 -9.29 -12.05 -8.24
CA ILE D 45 -10.64 -12.43 -7.81
C ILE D 45 -10.63 -13.95 -7.58
N THR D 46 -11.16 -14.37 -6.44
CA THR D 46 -11.31 -15.78 -6.12
C THR D 46 -12.78 -16.10 -5.84
N LEU D 47 -13.29 -17.05 -6.61
CA LEU D 47 -14.63 -17.63 -6.45
C LEU D 47 -14.46 -18.96 -5.73
N ASN D 48 -15.06 -19.09 -4.54
CA ASN D 48 -14.92 -20.27 -3.70
C ASN D 48 -16.29 -20.89 -3.48
N ILE D 49 -16.49 -22.07 -4.09
CA ILE D 49 -17.72 -22.84 -3.96
CA ILE D 49 -17.71 -22.82 -3.93
C ILE D 49 -17.28 -24.17 -3.37
N PRO D 50 -17.12 -24.25 -2.03
CA PRO D 50 -16.45 -25.39 -1.44
C PRO D 50 -17.25 -26.68 -1.34
N THR D 51 -18.57 -26.62 -1.53
CA THR D 51 -19.42 -27.76 -1.27
C THR D 51 -20.59 -27.90 -2.24
N PRO D 52 -20.38 -27.78 -3.57
CA PRO D 52 -21.46 -27.96 -4.52
C PRO D 52 -21.70 -29.42 -4.84
N TYR D 53 -22.85 -29.73 -5.44
CA TYR D 53 -23.06 -31.02 -6.07
C TYR D 53 -23.91 -30.80 -7.30
N ALA D 54 -24.02 -31.85 -8.11
CA ALA D 54 -24.91 -31.80 -9.25
C ALA D 54 -25.67 -33.11 -9.37
N SER D 55 -26.91 -32.99 -9.81
CA SER D 55 -27.75 -34.16 -10.04
C SER D 55 -27.97 -34.31 -11.55
N GLY D 56 -28.24 -35.55 -11.98
CA GLY D 56 -28.57 -35.78 -13.36
C GLY D 56 -28.22 -37.20 -13.77
N ASN D 57 -28.40 -37.48 -15.07
CA ASN D 57 -28.35 -38.85 -15.54
CA ASN D 57 -28.40 -38.84 -15.58
C ASN D 57 -27.38 -39.03 -16.70
N ASN D 58 -26.53 -38.03 -16.97
CA ASN D 58 -25.57 -38.19 -18.05
C ASN D 58 -24.23 -37.57 -17.65
N PHE D 59 -23.53 -38.21 -16.70
CA PHE D 59 -22.26 -37.69 -16.18
C PHE D 59 -22.43 -36.26 -15.70
N PRO D 60 -23.27 -36.03 -14.68
CA PRO D 60 -23.58 -34.66 -14.26
C PRO D 60 -22.35 -33.91 -13.73
N GLY D 61 -22.54 -32.60 -13.67
CA GLY D 61 -21.55 -31.71 -13.16
C GLY D 61 -22.08 -30.29 -13.15
N GLY D 62 -21.18 -29.35 -12.85
CA GLY D 62 -21.53 -27.95 -12.85
C GLY D 62 -20.32 -27.13 -13.31
N ASN D 63 -20.66 -26.03 -13.97
CA ASN D 63 -19.70 -25.06 -14.44
C ASN D 63 -19.91 -23.72 -13.76
N PHE D 64 -18.81 -22.99 -13.55
CA PHE D 64 -18.78 -21.70 -12.88
C PHE D 64 -17.93 -20.74 -13.68
N ALA D 65 -18.23 -19.46 -13.57
CA ALA D 65 -17.49 -18.39 -14.20
C ALA D 65 -17.47 -17.13 -13.33
N ILE D 66 -16.47 -16.32 -13.60
CA ILE D 66 -16.33 -14.99 -13.04
C ILE D 66 -16.50 -14.02 -14.19
N VAL D 67 -17.44 -13.05 -14.06
CA VAL D 67 -17.85 -12.19 -15.17
CA VAL D 67 -17.80 -12.18 -15.17
C VAL D 67 -17.99 -10.74 -14.69
N THR D 68 -17.81 -9.81 -15.60
CA THR D 68 -18.07 -8.41 -15.29
C THR D 68 -19.50 -8.01 -15.62
N ASP D 69 -19.89 -6.82 -15.17
CA ASP D 69 -21.20 -6.28 -15.52
C ASP D 69 -21.35 -6.04 -17.00
N GLN D 70 -20.25 -5.98 -17.75
CA GLN D 70 -20.30 -5.72 -19.19
C GLN D 70 -20.31 -7.04 -19.95
N GLY D 71 -20.30 -8.17 -19.25
CA GLY D 71 -20.47 -9.46 -19.90
C GLY D 71 -19.14 -10.16 -20.22
N GLU D 72 -18.01 -9.61 -19.77
CA GLU D 72 -16.74 -10.24 -20.05
C GLU D 72 -16.49 -11.39 -19.09
N GLN D 73 -16.24 -12.58 -19.66
CA GLN D 73 -15.93 -13.75 -18.87
C GLN D 73 -14.44 -13.79 -18.59
N LEU D 74 -14.07 -13.67 -17.32
CA LEU D 74 -12.67 -13.57 -16.91
C LEU D 74 -12.04 -14.92 -16.65
N ALA D 75 -12.86 -15.94 -16.32
CA ALA D 75 -12.39 -17.27 -15.97
C ALA D 75 -13.58 -18.19 -15.94
N TYR D 76 -13.34 -19.50 -16.13
CA TYR D 76 -14.38 -20.50 -16.07
C TYR D 76 -13.75 -21.85 -15.71
N GLY D 77 -14.59 -22.74 -15.19
CA GLY D 77 -14.19 -24.12 -14.96
C GLY D 77 -15.34 -24.90 -14.37
N GLY D 78 -15.08 -26.15 -13.99
CA GLY D 78 -16.18 -26.90 -13.44
C GLY D 78 -15.75 -28.24 -12.89
N PHE D 79 -16.71 -28.90 -12.25
CA PHE D 79 -16.54 -30.26 -11.76
C PHE D 79 -17.48 -31.21 -12.51
N THR D 80 -17.12 -32.48 -12.62
CA THR D 80 -18.02 -33.54 -13.09
C THR D 80 -17.73 -34.83 -12.33
N TYR D 81 -18.77 -35.68 -12.26
CA TYR D 81 -18.63 -37.02 -11.76
C TYR D 81 -18.15 -37.98 -12.84
N SER D 82 -17.56 -39.09 -12.40
CA SER D 82 -16.99 -40.09 -13.29
C SER D 82 -17.95 -41.19 -13.72
N SER D 83 -19.13 -41.28 -13.08
CA SER D 83 -20.12 -42.28 -13.40
CA SER D 83 -20.13 -42.28 -13.41
C SER D 83 -21.32 -41.61 -14.10
N LYS D 84 -22.01 -42.38 -14.93
CA LYS D 84 -23.09 -41.82 -15.71
C LYS D 84 -24.23 -41.28 -14.84
N ILE D 85 -24.65 -42.10 -13.88
CA ILE D 85 -25.71 -41.70 -12.94
C ILE D 85 -25.12 -41.97 -11.56
N PRO D 86 -24.53 -40.97 -10.89
CA PRO D 86 -23.87 -41.22 -9.62
C PRO D 86 -24.78 -41.88 -8.57
N GLU D 87 -24.18 -42.83 -7.87
CA GLU D 87 -24.86 -43.50 -6.80
C GLU D 87 -25.48 -42.47 -5.84
N ASN D 88 -24.74 -41.43 -5.41
CA ASN D 88 -25.27 -40.31 -4.60
C ASN D 88 -24.38 -39.08 -4.75
N SER D 89 -24.78 -38.13 -5.55
CA SER D 89 -23.94 -37.02 -5.99
C SER D 89 -23.20 -36.39 -4.81
N GLY D 90 -21.89 -36.60 -4.79
CA GLY D 90 -21.03 -36.12 -3.71
C GLY D 90 -20.63 -34.66 -3.85
N ARG D 91 -20.06 -34.11 -2.79
CA ARG D 91 -19.63 -32.71 -2.76
C ARG D 91 -18.23 -32.62 -3.33
N MET D 92 -18.10 -31.76 -4.36
CA MET D 92 -16.86 -31.64 -5.11
CA MET D 92 -16.91 -31.62 -5.17
C MET D 92 -16.37 -30.19 -5.04
N PRO D 93 -15.49 -29.90 -4.08
CA PRO D 93 -15.04 -28.53 -3.86
C PRO D 93 -14.50 -27.84 -5.11
N PHE D 94 -14.79 -26.54 -5.23
CA PHE D 94 -14.45 -25.82 -6.46
C PHE D 94 -13.96 -24.44 -6.08
N THR D 95 -12.81 -24.05 -6.65
CA THR D 95 -12.29 -22.69 -6.54
C THR D 95 -11.83 -22.25 -7.93
N LEU D 96 -11.95 -20.97 -8.21
CA LEU D 96 -11.59 -20.36 -9.49
C LEU D 96 -10.97 -18.99 -9.24
N VAL D 97 -9.84 -18.70 -9.90
CA VAL D 97 -9.12 -17.45 -9.70
C VAL D 97 -8.98 -16.73 -11.03
N ALA D 98 -9.28 -15.44 -11.02
CA ALA D 98 -9.23 -14.57 -12.19
C ALA D 98 -8.49 -13.27 -11.84
N ARG D 99 -8.13 -12.53 -12.89
CA ARG D 99 -7.57 -11.22 -12.70
CA ARG D 99 -7.49 -11.24 -12.81
C ARG D 99 -8.32 -10.23 -13.60
N TYR D 100 -8.43 -9.00 -13.10
CA TYR D 100 -9.07 -7.97 -13.89
C TYR D 100 -8.43 -6.61 -13.65
N SER D 101 -8.00 -5.96 -14.73
CA SER D 101 -7.57 -4.58 -14.67
C SER D 101 -8.79 -3.71 -14.39
N LEU D 102 -8.66 -2.70 -13.53
CA LEU D 102 -9.78 -1.83 -13.22
C LEU D 102 -9.73 -0.55 -14.06
N ALA D 103 -9.10 -0.59 -15.24
CA ALA D 103 -9.01 0.57 -16.12
C ALA D 103 -10.36 1.00 -16.66
N SER D 104 -11.27 0.05 -16.89
CA SER D 104 -12.56 0.30 -17.52
C SER D 104 -13.60 0.82 -16.52
N ASN D 105 -14.82 1.09 -17.01
CA ASN D 105 -15.89 1.58 -16.15
C ASN D 105 -16.66 0.46 -15.44
N VAL D 106 -16.15 -0.77 -15.46
N VAL D 106 -16.03 -0.72 -15.34
CA VAL D 106 -16.87 -1.88 -14.86
CA VAL D 106 -16.55 -1.85 -14.59
C VAL D 106 -17.07 -1.62 -13.36
C VAL D 106 -17.12 -1.41 -13.26
N SER D 107 -18.31 -1.89 -12.91
CA SER D 107 -18.81 -1.62 -11.57
C SER D 107 -18.95 -2.90 -10.75
N THR D 108 -19.12 -4.07 -11.39
CA THR D 108 -19.43 -5.33 -10.73
C THR D 108 -18.61 -6.47 -11.31
N ILE D 109 -18.06 -7.29 -10.39
CA ILE D 109 -17.48 -8.56 -10.76
C ILE D 109 -18.27 -9.62 -9.99
N LYS D 110 -18.79 -10.61 -10.69
CA LYS D 110 -19.72 -11.52 -10.04
C LYS D 110 -19.59 -12.95 -10.56
N ALA D 111 -20.16 -13.87 -9.80
CA ALA D 111 -20.17 -15.29 -10.13
C ALA D 111 -21.38 -15.67 -10.97
N GLN D 112 -21.14 -16.62 -11.86
CA GLN D 112 -22.20 -17.27 -12.62
C GLN D 112 -21.99 -18.78 -12.61
N TRP D 113 -23.06 -19.49 -12.94
CA TRP D 113 -23.03 -20.94 -13.04
C TRP D 113 -23.93 -21.39 -14.15
N SER D 114 -23.67 -22.63 -14.60
CA SER D 114 -24.44 -23.29 -15.63
C SER D 114 -24.29 -24.79 -15.42
N ASN D 115 -25.18 -25.54 -16.05
CA ASN D 115 -25.18 -26.99 -15.99
C ASN D 115 -24.29 -27.60 -17.07
N ILE D 116 -24.27 -28.93 -17.10
CA ILE D 116 -23.64 -29.67 -18.19
C ILE D 116 -24.48 -30.93 -18.43
N ARG D 117 -24.65 -31.30 -19.70
CA ARG D 117 -25.42 -32.48 -20.07
C ARG D 117 -26.74 -32.60 -19.29
N GLY D 118 -27.46 -31.48 -19.18
CA GLY D 118 -28.80 -31.48 -18.63
C GLY D 118 -28.86 -31.57 -17.10
N SER D 119 -27.74 -31.40 -16.40
CA SER D 119 -27.70 -31.55 -14.96
C SER D 119 -28.45 -30.43 -14.24
N THR D 120 -28.58 -30.60 -12.93
CA THR D 120 -29.00 -29.53 -12.03
C THR D 120 -27.84 -29.35 -11.05
N VAL D 121 -27.35 -28.11 -10.90
CA VAL D 121 -26.28 -27.79 -9.99
C VAL D 121 -26.90 -27.23 -8.71
N HIS D 122 -26.29 -27.52 -7.56
CA HIS D 122 -26.85 -27.19 -6.26
C HIS D 122 -25.79 -26.58 -5.35
N ILE D 123 -26.20 -25.55 -4.60
CA ILE D 123 -25.45 -24.94 -3.52
C ILE D 123 -26.38 -24.81 -2.32
N ASP D 124 -25.97 -25.33 -1.16
CA ASP D 124 -26.84 -25.29 0.02
C ASP D 124 -26.06 -24.94 1.27
N SER D 125 -24.91 -24.30 1.08
CA SER D 125 -24.04 -23.97 2.19
C SER D 125 -23.04 -22.89 1.74
N TYR D 126 -22.19 -22.49 2.68
CA TYR D 126 -21.27 -21.37 2.52
C TYR D 126 -20.57 -21.40 1.17
N ALA D 127 -20.51 -20.21 0.55
CA ALA D 127 -19.72 -19.96 -0.65
C ALA D 127 -19.37 -18.47 -0.65
N SER D 128 -18.27 -18.09 -1.33
CA SER D 128 -17.79 -16.72 -1.30
C SER D 128 -17.17 -16.31 -2.63
N ILE D 129 -17.16 -15.00 -2.85
CA ILE D 129 -16.35 -14.39 -3.87
C ILE D 129 -15.58 -13.26 -3.22
N SER D 130 -14.33 -13.08 -3.64
CA SER D 130 -13.50 -12.09 -3.01
C SER D 130 -12.52 -11.51 -4.03
N ALA D 131 -11.98 -10.35 -3.69
CA ALA D 131 -10.91 -9.80 -4.48
C ALA D 131 -9.92 -9.03 -3.60
N VAL D 132 -8.67 -9.14 -4.01
CA VAL D 132 -7.57 -8.30 -3.54
C VAL D 132 -7.32 -7.28 -4.64
N ILE D 133 -7.38 -6.00 -4.27
CA ILE D 133 -7.15 -4.88 -5.18
C ILE D 133 -5.82 -4.23 -4.83
N GLN D 134 -4.94 -4.15 -5.83
CA GLN D 134 -3.58 -3.64 -5.64
C GLN D 134 -3.21 -2.67 -6.74
N CYS D 135 -2.32 -1.73 -6.39
CA CYS D 135 -1.72 -0.89 -7.41
C CYS D 135 -0.78 -1.77 -8.19
N ASN D 136 -0.66 -1.44 -9.46
CA ASN D 136 0.13 -2.25 -10.37
C ASN D 136 1.60 -2.23 -9.94
N GLN D 137 2.07 -1.09 -9.41
CA GLN D 137 3.45 -0.91 -8.97
C GLN D 137 3.58 -1.00 -7.44
N SER E 2 -0.10 -7.03 4.15
CA SER E 2 0.90 -8.04 4.61
CA SER E 2 0.84 -8.04 4.72
C SER E 2 0.31 -9.44 4.47
N ILE E 3 1.19 -10.44 4.64
CA ILE E 3 0.85 -11.84 4.50
C ILE E 3 1.14 -12.54 5.81
N VAL E 4 0.19 -13.40 6.25
CA VAL E 4 0.43 -14.31 7.35
CA VAL E 4 0.43 -14.31 7.35
C VAL E 4 0.18 -15.71 6.80
N PHE E 5 1.00 -16.69 7.21
CA PHE E 5 0.98 -18.00 6.57
C PHE E 5 1.44 -19.06 7.58
N ALA E 6 0.77 -20.22 7.51
CA ALA E 6 1.23 -21.41 8.22
C ALA E 6 1.00 -22.63 7.33
N SER E 7 1.95 -23.54 7.31
CA SER E 7 1.77 -24.81 6.61
C SER E 7 2.20 -26.00 7.46
N ILE E 8 1.67 -27.16 7.05
CA ILE E 8 2.08 -28.46 7.58
C ILE E 8 2.37 -29.40 6.40
N ASP E 9 3.12 -30.47 6.68
CA ASP E 9 3.43 -31.48 5.68
C ASP E 9 3.58 -32.78 6.45
N PRO E 10 2.48 -33.36 6.96
CA PRO E 10 2.56 -34.43 7.95
C PRO E 10 2.73 -35.80 7.29
N ARG E 11 3.86 -35.97 6.62
CA ARG E 11 4.17 -37.24 5.96
C ARG E 11 4.54 -38.32 6.99
N SER E 12 5.34 -37.97 8.01
CA SER E 12 5.87 -38.99 8.88
C SER E 12 4.85 -39.39 9.93
N ASN E 13 3.98 -38.47 10.39
N ASN E 13 3.97 -38.45 10.30
CA ASN E 13 2.89 -38.85 11.28
CA ASN E 13 2.93 -38.70 11.29
C ASN E 13 1.62 -38.20 10.77
C ASN E 13 1.62 -38.14 10.73
N PRO E 14 0.93 -38.86 9.81
CA PRO E 14 -0.30 -38.33 9.24
C PRO E 14 -1.36 -38.00 10.29
N LEU E 15 -2.18 -37.01 9.95
CA LEU E 15 -3.23 -36.55 10.84
C LEU E 15 -4.52 -37.25 10.45
N GLN E 16 -5.38 -37.49 11.46
CA GLN E 16 -6.69 -38.04 11.20
C GLN E 16 -7.66 -37.52 12.23
N THR E 17 -8.95 -37.56 11.88
CA THR E 17 -10.03 -37.31 12.83
C THR E 17 -11.22 -38.22 12.48
N SER E 18 -11.83 -38.76 13.54
CA SER E 18 -13.10 -39.47 13.47
CA SER E 18 -13.13 -39.41 13.39
C SER E 18 -14.15 -38.74 14.31
N SER E 19 -13.95 -37.42 14.56
CA SER E 19 -14.79 -36.61 15.41
C SER E 19 -15.92 -36.00 14.62
N GLN E 20 -17.17 -36.16 15.08
CA GLN E 20 -18.31 -35.51 14.47
C GLN E 20 -18.26 -34.00 14.72
N ASN E 21 -17.67 -33.59 15.83
CA ASN E 21 -17.53 -32.19 16.18
C ASN E 21 -16.22 -31.64 15.65
N TYR E 22 -16.22 -30.35 15.25
CA TYR E 22 -15.00 -29.72 14.78
C TYR E 22 -13.92 -29.72 15.86
N VAL E 23 -12.71 -30.07 15.43
CA VAL E 23 -11.52 -29.96 16.23
C VAL E 23 -10.45 -29.24 15.41
N ASP E 24 -9.50 -28.62 16.10
CA ASP E 24 -8.43 -27.89 15.44
C ASP E 24 -7.53 -28.84 14.64
N ILE E 25 -7.11 -28.37 13.47
CA ILE E 25 -6.07 -29.07 12.73
C ILE E 25 -4.74 -28.54 13.24
N PRO E 26 -3.94 -29.32 13.99
CA PRO E 26 -2.71 -28.76 14.59
C PRO E 26 -1.79 -28.21 13.51
N GLY E 27 -1.27 -27.02 13.76
CA GLY E 27 -0.28 -26.35 12.93
C GLY E 27 -0.90 -25.39 11.92
N LEU E 28 -2.21 -25.44 11.71
CA LEU E 28 -2.90 -24.59 10.75
C LEU E 28 -3.63 -23.48 11.52
N LYS E 29 -2.79 -22.59 12.08
CA LYS E 29 -3.27 -21.40 12.80
C LYS E 29 -2.44 -20.17 12.46
N LEU E 30 -3.13 -19.04 12.36
CA LEU E 30 -2.51 -17.76 12.08
C LEU E 30 -2.58 -16.88 13.33
N ASP E 31 -1.47 -16.29 13.70
CA ASP E 31 -1.38 -15.33 14.77
C ASP E 31 -1.68 -13.95 14.18
N VAL E 32 -2.82 -13.38 14.57
CA VAL E 32 -3.17 -12.04 14.10
C VAL E 32 -3.14 -11.03 15.25
N SER E 33 -2.52 -11.40 16.38
CA SER E 33 -2.56 -10.55 17.57
C SER E 33 -1.99 -9.16 17.34
N LYS E 34 -0.99 -9.01 16.48
CA LYS E 34 -0.39 -7.68 16.27
C LYS E 34 -1.32 -6.80 15.42
N TYR E 35 -2.37 -7.40 14.84
CA TYR E 35 -3.29 -6.67 13.98
C TYR E 35 -4.65 -6.49 14.64
N SER E 36 -4.84 -7.04 15.82
CA SER E 36 -6.17 -7.04 16.40
C SER E 36 -6.52 -5.67 16.98
N ASN E 37 -7.79 -5.48 17.27
CA ASN E 37 -8.28 -4.20 17.79
C ASN E 37 -7.98 -3.08 16.81
N SER E 38 -8.08 -3.40 15.50
CA SER E 38 -7.75 -2.50 14.42
C SER E 38 -8.94 -2.41 13.48
N PRO E 39 -9.85 -1.44 13.66
CA PRO E 39 -11.07 -1.43 12.84
C PRO E 39 -10.81 -1.12 11.37
N CYS E 40 -9.60 -0.65 11.07
CA CYS E 40 -9.26 -0.32 9.71
C CYS E 40 -8.60 -1.48 8.95
N LEU E 41 -8.48 -2.65 9.55
CA LEU E 41 -7.82 -3.77 8.90
C LEU E 41 -8.81 -4.91 8.67
N THR E 42 -8.64 -5.60 7.54
CA THR E 42 -9.40 -6.76 7.19
C THR E 42 -8.42 -7.86 6.72
N ALA E 43 -8.78 -9.10 7.03
CA ALA E 43 -8.05 -10.29 6.60
C ALA E 43 -8.90 -11.07 5.60
N LEU E 44 -8.28 -11.52 4.52
CA LEU E 44 -8.86 -12.48 3.60
C LEU E 44 -8.07 -13.77 3.80
N ILE E 45 -8.78 -14.81 4.25
CA ILE E 45 -8.16 -16.03 4.76
C ILE E 45 -8.49 -17.20 3.83
N THR E 46 -7.45 -17.92 3.41
CA THR E 46 -7.62 -19.09 2.57
C THR E 46 -7.04 -20.30 3.27
N LEU E 47 -7.88 -21.34 3.41
CA LEU E 47 -7.52 -22.66 3.89
C LEU E 47 -7.39 -23.59 2.70
N ASN E 48 -6.20 -24.16 2.53
CA ASN E 48 -5.92 -24.98 1.36
C ASN E 48 -5.47 -26.37 1.86
N ILE E 49 -6.33 -27.34 1.61
CA ILE E 49 -6.12 -28.74 1.95
CA ILE E 49 -6.08 -28.73 1.95
C ILE E 49 -6.15 -29.47 0.62
N PRO E 50 -5.05 -29.48 -0.14
CA PRO E 50 -5.11 -29.96 -1.52
C PRO E 50 -5.26 -31.45 -1.71
N THR E 51 -4.97 -32.26 -0.68
CA THR E 51 -4.88 -33.70 -0.93
C THR E 51 -5.49 -34.53 0.21
N PRO E 52 -6.70 -34.19 0.76
CA PRO E 52 -7.27 -35.00 1.84
C PRO E 52 -7.98 -36.21 1.25
N TYR E 53 -8.32 -37.14 2.15
CA TYR E 53 -9.25 -38.20 1.80
C TYR E 53 -9.99 -38.62 3.05
N ALA E 54 -11.04 -39.43 2.87
CA ALA E 54 -11.77 -39.95 4.02
C ALA E 54 -12.08 -41.42 3.84
N SER E 55 -11.94 -42.19 4.91
N SER E 55 -11.93 -42.16 4.94
CA SER E 55 -12.32 -43.59 4.90
CA SER E 55 -12.26 -43.59 5.05
C SER E 55 -13.66 -43.79 5.59
C SER E 55 -13.70 -43.74 5.55
N GLY E 56 -14.37 -44.82 5.14
CA GLY E 56 -15.63 -45.21 5.74
C GLY E 56 -16.52 -45.94 4.77
N ASN E 57 -17.73 -46.25 5.27
CA ASN E 57 -18.65 -47.15 4.55
C ASN E 57 -20.07 -46.58 4.49
N ASN E 58 -20.24 -45.26 4.69
CA ASN E 58 -21.54 -44.64 4.53
C ASN E 58 -21.39 -43.29 3.83
N PHE E 59 -20.95 -43.33 2.55
CA PHE E 59 -20.72 -42.12 1.79
C PHE E 59 -19.75 -41.21 2.56
N PRO E 60 -18.50 -41.64 2.76
CA PRO E 60 -17.57 -40.87 3.56
C PRO E 60 -17.21 -39.52 2.96
N GLY E 61 -16.67 -38.69 3.83
CA GLY E 61 -16.19 -37.37 3.44
C GLY E 61 -15.60 -36.66 4.63
N GLY E 62 -15.26 -35.40 4.43
CA GLY E 62 -14.73 -34.58 5.52
C GLY E 62 -15.18 -33.15 5.37
N ASN E 63 -15.30 -32.50 6.53
CA ASN E 63 -15.66 -31.09 6.63
C ASN E 63 -14.52 -30.29 7.24
N PHE E 64 -14.43 -29.02 6.82
CA PHE E 64 -13.41 -28.08 7.25
C PHE E 64 -14.05 -26.73 7.54
N ALA E 65 -13.45 -26.01 8.49
CA ALA E 65 -13.91 -24.68 8.86
C ALA E 65 -12.74 -23.77 9.16
N ILE E 66 -12.97 -22.47 8.97
CA ILE E 66 -12.09 -21.41 9.44
C ILE E 66 -12.78 -20.75 10.62
N VAL E 67 -12.06 -20.65 11.73
CA VAL E 67 -12.65 -20.14 12.96
C VAL E 67 -11.70 -19.20 13.69
N THR E 68 -12.27 -18.37 14.57
CA THR E 68 -11.50 -17.50 15.45
C THR E 68 -11.32 -18.15 16.80
N ASP E 69 -10.40 -17.59 17.62
N ASP E 69 -10.48 -17.54 17.62
CA ASP E 69 -10.19 -18.06 18.99
CA ASP E 69 -10.39 -17.99 19.00
C ASP E 69 -11.38 -17.78 19.91
C ASP E 69 -11.39 -17.23 19.87
N GLN E 70 -12.28 -16.87 19.47
N GLN E 70 -12.48 -16.70 19.27
CA GLN E 70 -13.47 -16.41 20.19
CA GLN E 70 -13.59 -16.29 20.11
C GLN E 70 -14.72 -17.03 19.55
C GLN E 70 -14.78 -17.20 19.82
N GLY E 71 -14.54 -18.28 19.05
CA GLY E 71 -15.59 -19.24 18.72
C GLY E 71 -16.45 -18.86 17.54
N GLU E 72 -15.95 -17.99 16.68
N GLU E 72 -15.92 -18.05 16.65
CA GLU E 72 -16.71 -17.54 15.52
CA GLU E 72 -16.71 -17.59 15.52
C GLU E 72 -16.32 -18.44 14.34
C GLU E 72 -16.32 -18.41 14.30
N GLN E 73 -17.28 -19.12 13.73
CA GLN E 73 -17.04 -19.90 12.51
C GLN E 73 -17.26 -18.99 11.32
N LEU E 74 -16.15 -18.70 10.64
CA LEU E 74 -16.19 -17.74 9.54
C LEU E 74 -16.63 -18.35 8.22
N ALA E 75 -16.35 -19.63 8.04
CA ALA E 75 -16.57 -20.33 6.77
C ALA E 75 -16.56 -21.82 7.09
N TYR E 76 -17.20 -22.61 6.25
CA TYR E 76 -17.15 -24.06 6.37
C TYR E 76 -17.52 -24.68 5.02
N GLY E 77 -17.10 -25.95 4.86
CA GLY E 77 -17.52 -26.71 3.69
C GLY E 77 -16.85 -28.08 3.73
N GLY E 78 -17.03 -28.88 2.72
CA GLY E 78 -16.42 -30.20 2.76
C GLY E 78 -16.55 -30.94 1.42
N PHE E 79 -15.92 -32.12 1.38
CA PHE E 79 -15.99 -33.02 0.26
C PHE E 79 -16.69 -34.29 0.72
N THR E 80 -17.26 -35.01 -0.24
CA THR E 80 -17.78 -36.35 -0.04
C THR E 80 -17.63 -37.15 -1.32
N TYR E 81 -17.53 -38.46 -1.16
CA TYR E 81 -17.52 -39.36 -2.30
C TYR E 81 -18.94 -39.64 -2.78
N SER E 82 -19.03 -40.12 -4.03
CA SER E 82 -20.31 -40.37 -4.68
C SER E 82 -20.72 -41.84 -4.63
N SER E 83 -20.00 -42.65 -3.87
CA SER E 83 -20.34 -44.03 -3.64
CA SER E 83 -20.45 -44.00 -3.63
C SER E 83 -20.39 -44.29 -2.15
N LYS E 84 -21.24 -45.24 -1.75
N LYS E 84 -21.21 -45.25 -1.73
CA LYS E 84 -21.40 -45.57 -0.35
CA LYS E 84 -21.36 -45.52 -0.32
C LYS E 84 -20.11 -46.11 0.25
C LYS E 84 -20.08 -46.11 0.26
N ILE E 85 -19.50 -47.04 -0.49
CA ILE E 85 -18.30 -47.70 -0.06
C ILE E 85 -17.24 -47.51 -1.15
N PRO E 86 -16.49 -46.38 -1.14
CA PRO E 86 -15.52 -46.15 -2.20
C PRO E 86 -14.51 -47.31 -2.26
N GLU E 87 -14.24 -47.76 -3.49
CA GLU E 87 -13.30 -48.84 -3.71
C GLU E 87 -11.93 -48.50 -3.12
N ASN E 88 -11.50 -47.25 -3.26
N ASN E 88 -11.51 -47.29 -3.43
CA ASN E 88 -10.29 -46.72 -2.64
CA ASN E 88 -10.49 -46.58 -2.71
C ASN E 88 -10.33 -45.20 -2.49
C ASN E 88 -11.06 -45.25 -2.23
N SER E 89 -10.42 -44.67 -1.27
CA SER E 89 -10.70 -43.30 -0.93
C SER E 89 -9.73 -42.38 -1.64
N GLY E 90 -10.21 -41.74 -2.72
CA GLY E 90 -9.38 -40.87 -3.51
C GLY E 90 -9.15 -39.52 -2.90
N ARG E 91 -8.18 -38.79 -3.46
CA ARG E 91 -7.84 -37.47 -2.95
C ARG E 91 -8.72 -36.41 -3.62
N MET E 92 -9.40 -35.64 -2.75
CA MET E 92 -10.42 -34.68 -3.16
CA MET E 92 -10.45 -34.69 -3.10
C MET E 92 -9.98 -33.30 -2.69
N PRO E 93 -9.31 -32.53 -3.57
CA PRO E 93 -8.77 -31.23 -3.18
C PRO E 93 -9.84 -30.30 -2.62
N PHE E 94 -9.42 -29.49 -1.65
CA PHE E 94 -10.36 -28.65 -0.93
C PHE E 94 -9.74 -27.29 -0.57
N THR E 95 -10.45 -26.21 -0.91
CA THR E 95 -10.03 -24.86 -0.56
C THR E 95 -11.27 -24.15 -0.02
N LEU E 96 -11.04 -23.25 0.95
CA LEU E 96 -12.09 -22.46 1.60
C LEU E 96 -11.60 -21.05 1.87
N VAL E 97 -12.42 -20.05 1.55
CA VAL E 97 -12.00 -18.66 1.67
C VAL E 97 -12.98 -17.90 2.53
N ALA E 98 -12.46 -17.15 3.51
CA ALA E 98 -13.23 -16.41 4.50
C ALA E 98 -12.67 -15.00 4.60
N ARG E 99 -13.47 -14.13 5.24
N ARG E 99 -13.42 -14.11 5.24
CA ARG E 99 -13.12 -12.75 5.51
CA ARG E 99 -12.89 -12.79 5.51
C ARG E 99 -13.24 -12.51 7.02
C ARG E 99 -13.26 -12.40 6.93
N TYR E 100 -12.37 -11.64 7.55
CA TYR E 100 -12.56 -11.22 8.92
C TYR E 100 -12.09 -9.78 9.12
N SER E 101 -12.97 -8.95 9.69
CA SER E 101 -12.61 -7.65 10.20
C SER E 101 -11.73 -7.82 11.43
N LEU E 102 -10.59 -7.08 11.50
CA LEU E 102 -9.72 -7.20 12.66
C LEU E 102 -10.05 -6.16 13.74
N ALA E 103 -11.27 -5.64 13.73
CA ALA E 103 -11.71 -4.69 14.77
C ALA E 103 -11.80 -5.32 16.17
N SER E 104 -12.03 -6.62 16.27
CA SER E 104 -12.23 -7.26 17.56
C SER E 104 -10.87 -7.60 18.17
N ASN E 105 -10.92 -8.15 19.39
CA ASN E 105 -9.73 -8.60 20.09
C ASN E 105 -9.27 -10.01 19.72
N VAL E 106 -9.70 -10.49 18.57
N VAL E 106 -9.83 -10.62 18.69
CA VAL E 106 -9.20 -11.70 17.92
CA VAL E 106 -9.39 -11.95 18.25
C VAL E 106 -7.68 -11.80 18.04
C VAL E 106 -7.89 -11.98 17.99
N SER E 107 -7.21 -12.97 18.48
N SER E 107 -7.25 -13.07 18.45
CA SER E 107 -5.79 -13.28 18.57
CA SER E 107 -5.81 -13.30 18.37
C SER E 107 -5.36 -14.22 17.43
C SER E 107 -5.45 -14.33 17.30
N THR E 108 -6.29 -15.10 17.00
N THR E 108 -6.29 -15.35 17.08
CA THR E 108 -5.98 -16.28 16.18
CA THR E 108 -5.93 -16.39 16.14
C THR E 108 -7.10 -16.56 15.18
C THR E 108 -7.09 -16.66 15.21
N ILE E 109 -6.72 -16.97 13.96
CA ILE E 109 -7.65 -17.49 12.98
C ILE E 109 -7.08 -18.85 12.56
N LYS E 110 -7.90 -19.91 12.62
CA LYS E 110 -7.35 -21.25 12.48
C LYS E 110 -8.30 -22.19 11.78
N ALA E 111 -7.76 -23.32 11.36
CA ALA E 111 -8.49 -24.38 10.69
C ALA E 111 -9.02 -25.40 11.67
N GLN E 112 -10.22 -25.89 11.37
CA GLN E 112 -10.77 -27.04 12.05
C GLN E 112 -11.24 -28.06 11.01
N TRP E 113 -11.48 -29.29 11.48
CA TRP E 113 -12.06 -30.35 10.68
C TRP E 113 -12.94 -31.26 11.51
N SER E 114 -13.77 -31.97 10.77
CA SER E 114 -14.71 -32.93 11.36
C SER E 114 -15.02 -33.98 10.30
N ASN E 115 -15.62 -35.09 10.74
CA ASN E 115 -16.00 -36.18 9.87
C ASN E 115 -17.44 -36.00 9.39
N ILE E 116 -17.95 -36.98 8.66
CA ILE E 116 -19.35 -37.04 8.31
C ILE E 116 -19.76 -38.50 8.23
N ARG E 117 -20.96 -38.86 8.74
CA ARG E 117 -21.44 -40.23 8.69
C ARG E 117 -20.40 -41.23 9.18
N GLY E 118 -19.70 -40.87 10.27
CA GLY E 118 -18.84 -41.87 10.88
C GLY E 118 -17.51 -42.07 10.19
N SER E 119 -17.16 -41.23 9.22
CA SER E 119 -15.91 -41.37 8.47
C SER E 119 -14.69 -41.06 9.34
N THR E 120 -13.50 -41.38 8.78
CA THR E 120 -12.24 -40.88 9.31
C THR E 120 -11.62 -40.02 8.21
N VAL E 121 -11.31 -38.77 8.52
CA VAL E 121 -10.67 -37.85 7.59
C VAL E 121 -9.14 -37.89 7.80
N HIS E 122 -8.38 -37.78 6.70
CA HIS E 122 -6.94 -37.96 6.73
C HIS E 122 -6.24 -36.82 5.97
N ILE E 123 -5.14 -36.33 6.56
CA ILE E 123 -4.19 -35.45 5.88
C ILE E 123 -2.80 -36.02 6.09
N ASP E 124 -2.08 -36.30 5.00
CA ASP E 124 -0.74 -36.88 5.09
C ASP E 124 0.27 -36.16 4.22
N SER E 125 -0.02 -34.93 3.83
CA SER E 125 0.82 -34.16 2.96
C SER E 125 0.48 -32.68 3.10
N TYR E 126 1.21 -31.86 2.34
CA TYR E 126 1.19 -30.41 2.45
CA TYR E 126 1.18 -30.41 2.42
C TYR E 126 -0.24 -29.86 2.50
N ALA E 127 -0.41 -28.89 3.42
CA ALA E 127 -1.62 -28.11 3.53
C ALA E 127 -1.25 -26.76 4.14
N SER E 128 -2.09 -25.73 3.95
CA SER E 128 -1.74 -24.42 4.42
C SER E 128 -2.96 -23.62 4.80
N ILE E 129 -2.70 -22.58 5.62
CA ILE E 129 -3.68 -21.52 5.88
C ILE E 129 -2.95 -20.19 5.77
N SER E 130 -3.60 -19.22 5.12
CA SER E 130 -2.93 -17.97 4.82
C SER E 130 -3.93 -16.83 4.87
N ALA E 131 -3.40 -15.62 5.08
CA ALA E 131 -4.20 -14.44 4.97
C ALA E 131 -3.43 -13.28 4.37
N VAL E 132 -4.17 -12.52 3.59
CA VAL E 132 -3.77 -11.18 3.18
C VAL E 132 -4.46 -10.19 4.10
N ILE E 133 -3.69 -9.29 4.73
CA ILE E 133 -4.21 -8.29 5.63
C ILE E 133 -4.01 -6.94 4.97
N GLN E 134 -5.09 -6.16 4.84
CA GLN E 134 -5.03 -4.88 4.16
CA GLN E 134 -5.14 -4.91 4.11
C GLN E 134 -5.85 -3.85 4.92
N CYS E 135 -5.49 -2.59 4.68
CA CYS E 135 -6.28 -1.49 5.17
C CYS E 135 -7.58 -1.45 4.38
N ASN E 136 -8.69 -1.06 5.00
CA ASN E 136 -9.98 -1.10 4.32
C ASN E 136 -10.00 -0.15 3.11
N GLN E 137 -9.25 0.95 3.18
CA GLN E 137 -9.16 1.91 2.07
C GLN E 137 -7.75 1.91 1.45
N LEU E 138 -7.64 1.73 0.13
CA LEU E 138 -6.35 1.58 -0.54
C LEU E 138 -5.79 2.95 -0.94
N VAL E 139 -4.53 3.21 -0.57
CA VAL E 139 -3.82 4.40 -1.01
C VAL E 139 -2.33 4.06 -1.18
N SER F 2 1.36 -5.85 -4.66
CA SER F 2 1.17 -5.96 -6.12
C SER F 2 0.69 -7.36 -6.46
N ILE F 3 0.19 -7.50 -7.68
CA ILE F 3 -0.31 -8.75 -8.22
C ILE F 3 0.53 -9.16 -9.40
N VAL F 4 0.92 -10.42 -9.46
CA VAL F 4 1.48 -11.03 -10.67
CA VAL F 4 1.50 -11.03 -10.66
C VAL F 4 0.59 -12.19 -11.05
N PHE F 5 0.40 -12.42 -12.36
CA PHE F 5 -0.62 -13.34 -12.82
C PHE F 5 -0.26 -13.90 -14.18
N ALA F 6 -0.57 -15.17 -14.38
CA ALA F 6 -0.47 -15.80 -15.69
C ALA F 6 -1.61 -16.82 -15.82
N SER F 7 -2.19 -16.91 -17.02
CA SER F 7 -3.23 -17.91 -17.27
C SER F 7 -3.04 -18.56 -18.63
N ILE F 8 -3.62 -19.73 -18.75
CA ILE F 8 -3.70 -20.48 -20.01
C ILE F 8 -5.14 -20.88 -20.22
N ASP F 9 -5.46 -21.28 -21.45
CA ASP F 9 -6.77 -21.80 -21.79
C ASP F 9 -6.59 -22.73 -22.99
N PRO F 10 -5.97 -23.91 -22.78
CA PRO F 10 -5.50 -24.76 -23.88
C PRO F 10 -6.59 -25.66 -24.45
N ARG F 11 -7.58 -25.04 -25.09
N ARG F 11 -7.58 -25.02 -25.07
CA ARG F 11 -8.71 -25.76 -25.66
CA ARG F 11 -8.72 -25.71 -25.65
C ARG F 11 -8.32 -26.43 -26.97
C ARG F 11 -8.32 -26.41 -26.94
N SER F 12 -7.63 -25.69 -27.84
CA SER F 12 -7.30 -26.21 -29.16
CA SER F 12 -7.35 -26.28 -29.15
C SER F 12 -6.18 -27.26 -29.11
N ASN F 13 -5.20 -27.00 -28.25
CA ASN F 13 -4.06 -27.87 -28.08
CA ASN F 13 -4.09 -27.92 -28.07
C ASN F 13 -3.96 -28.24 -26.60
N PRO F 14 -4.78 -29.19 -26.14
CA PRO F 14 -4.77 -29.55 -24.72
C PRO F 14 -3.39 -29.99 -24.26
N LEU F 15 -3.10 -29.77 -22.99
CA LEU F 15 -1.87 -30.20 -22.38
C LEU F 15 -2.08 -31.55 -21.70
N GLN F 16 -1.01 -32.31 -21.62
CA GLN F 16 -1.05 -33.61 -20.98
C GLN F 16 0.33 -34.00 -20.50
N THR F 17 0.36 -34.87 -19.49
CA THR F 17 1.60 -35.50 -19.09
C THR F 17 1.32 -36.92 -18.58
N SER F 18 2.22 -37.85 -18.93
CA SER F 18 2.30 -39.19 -18.40
CA SER F 18 2.25 -39.15 -18.27
C SER F 18 3.61 -39.39 -17.61
N SER F 19 4.25 -38.28 -17.21
CA SER F 19 5.54 -38.31 -16.51
C SER F 19 5.37 -38.52 -15.01
N GLN F 20 6.06 -39.52 -14.43
CA GLN F 20 6.02 -39.67 -12.98
C GLN F 20 6.83 -38.59 -12.28
N ASN F 21 7.79 -37.96 -12.95
CA ASN F 21 8.48 -36.85 -12.28
CA ASN F 21 8.60 -36.84 -12.48
C ASN F 21 7.87 -35.53 -12.76
N TYR F 22 7.95 -34.54 -11.86
CA TYR F 22 7.36 -33.24 -12.10
C TYR F 22 8.01 -32.61 -13.32
N VAL F 23 7.18 -32.05 -14.20
CA VAL F 23 7.59 -31.26 -15.35
C VAL F 23 6.78 -29.97 -15.36
N ASP F 24 7.31 -28.93 -16.01
CA ASP F 24 6.66 -27.63 -16.03
C ASP F 24 5.36 -27.66 -16.85
N ILE F 25 4.34 -26.94 -16.35
CA ILE F 25 3.13 -26.70 -17.12
C ILE F 25 3.37 -25.45 -17.93
N PRO F 26 3.47 -25.54 -19.27
CA PRO F 26 3.85 -24.34 -20.03
C PRO F 26 2.81 -23.24 -19.87
N GLY F 27 3.30 -22.02 -19.67
CA GLY F 27 2.44 -20.84 -19.57
C GLY F 27 2.06 -20.48 -18.15
N LEU F 28 2.25 -21.39 -17.19
CA LEU F 28 1.91 -21.10 -15.81
C LEU F 28 3.17 -20.80 -15.03
N LYS F 29 3.73 -19.62 -15.35
CA LYS F 29 4.94 -19.11 -14.69
CA LYS F 29 4.92 -19.12 -14.68
C LYS F 29 4.78 -17.63 -14.38
N LEU F 30 5.34 -17.21 -13.26
CA LEU F 30 5.35 -15.86 -12.78
C LEU F 30 6.76 -15.31 -12.78
N ASP F 31 6.93 -14.17 -13.42
CA ASP F 31 8.21 -13.47 -13.42
C ASP F 31 8.27 -12.61 -12.17
N VAL F 32 9.18 -12.96 -11.24
CA VAL F 32 9.36 -12.20 -10.02
C VAL F 32 10.74 -11.53 -10.00
N SER F 33 11.38 -11.40 -11.18
CA SER F 33 12.72 -10.84 -11.37
C SER F 33 12.83 -9.47 -10.69
N LYS F 34 11.80 -8.65 -10.86
CA LYS F 34 11.83 -7.28 -10.35
C LYS F 34 11.81 -7.24 -8.82
N TYR F 35 11.37 -8.32 -8.17
CA TYR F 35 11.15 -8.37 -6.72
C TYR F 35 12.23 -9.18 -6.01
N SER F 36 13.15 -9.76 -6.77
CA SER F 36 14.09 -10.69 -6.17
C SER F 36 15.17 -9.93 -5.41
N ASN F 37 15.92 -10.67 -4.58
CA ASN F 37 16.93 -10.09 -3.73
C ASN F 37 16.34 -9.03 -2.80
N SER F 38 15.12 -9.28 -2.32
CA SER F 38 14.34 -8.33 -1.55
C SER F 38 13.86 -9.03 -0.28
N PRO F 39 14.69 -9.08 0.78
CA PRO F 39 14.26 -9.72 2.03
C PRO F 39 13.00 -9.17 2.68
N CYS F 40 12.64 -7.93 2.32
N CYS F 40 12.58 -7.95 2.34
CA CYS F 40 11.45 -7.27 2.85
CA CYS F 40 11.40 -7.41 2.99
C CYS F 40 10.14 -7.69 2.18
C CYS F 40 10.11 -7.73 2.23
N LEU F 41 10.19 -8.56 1.18
CA LEU F 41 9.01 -8.89 0.38
C LEU F 41 8.72 -10.38 0.47
N THR F 42 7.41 -10.68 0.49
CA THR F 42 6.89 -12.04 0.47
C THR F 42 5.82 -12.16 -0.60
N ALA F 43 5.83 -13.30 -1.30
CA ALA F 43 4.77 -13.66 -2.22
C ALA F 43 3.87 -14.75 -1.66
N LEU F 44 2.55 -14.56 -1.86
CA LEU F 44 1.59 -15.60 -1.56
C LEU F 44 1.05 -16.08 -2.91
N ILE F 45 1.34 -17.32 -3.24
CA ILE F 45 1.15 -17.86 -4.58
C ILE F 45 -0.01 -18.86 -4.60
N THR F 46 -0.94 -18.68 -5.54
CA THR F 46 -2.03 -19.61 -5.73
C THR F 46 -1.97 -20.19 -7.13
N LEU F 47 -1.97 -21.54 -7.19
CA LEU F 47 -2.09 -22.30 -8.43
C LEU F 47 -3.53 -22.82 -8.53
N ASN F 48 -4.23 -22.42 -9.57
CA ASN F 48 -5.64 -22.76 -9.75
C ASN F 48 -5.77 -23.58 -11.02
N ILE F 49 -6.13 -24.85 -10.89
CA ILE F 49 -6.38 -25.79 -11.98
C ILE F 49 -7.80 -26.29 -11.80
N PRO F 50 -8.79 -25.48 -12.23
CA PRO F 50 -10.17 -25.76 -11.80
C PRO F 50 -10.79 -26.97 -12.47
N THR F 51 -10.25 -27.44 -13.61
CA THR F 51 -10.96 -28.42 -14.40
C THR F 51 -10.05 -29.50 -14.96
N PRO F 52 -9.14 -30.11 -14.18
CA PRO F 52 -8.29 -31.18 -14.72
C PRO F 52 -9.02 -32.50 -14.70
N TYR F 53 -8.45 -33.45 -15.43
CA TYR F 53 -8.86 -34.84 -15.27
C TYR F 53 -7.65 -35.73 -15.50
N ALA F 54 -7.76 -37.03 -15.20
CA ALA F 54 -6.67 -37.95 -15.49
C ALA F 54 -7.27 -39.23 -16.02
N SER F 55 -6.65 -39.78 -17.06
N SER F 55 -6.60 -39.77 -17.05
CA SER F 55 -7.09 -41.03 -17.65
CA SER F 55 -6.94 -41.01 -17.72
C SER F 55 -6.14 -42.15 -17.23
C SER F 55 -6.11 -42.15 -17.14
N GLY F 56 -6.69 -43.34 -17.14
CA GLY F 56 -5.92 -44.54 -16.81
C GLY F 56 -6.78 -45.65 -16.21
N ASN F 57 -6.07 -46.72 -15.81
CA ASN F 57 -6.74 -47.93 -15.38
C ASN F 57 -6.21 -48.47 -14.05
N ASN F 58 -5.64 -47.60 -13.23
CA ASN F 58 -5.23 -48.02 -11.89
C ASN F 58 -5.34 -46.86 -10.91
N PHE F 59 -6.58 -46.47 -10.67
CA PHE F 59 -6.90 -45.34 -9.80
C PHE F 59 -6.12 -44.13 -10.25
N PRO F 60 -6.45 -43.61 -11.44
CA PRO F 60 -5.66 -42.50 -11.97
C PRO F 60 -5.81 -41.25 -11.12
N GLY F 61 -4.93 -40.29 -11.38
CA GLY F 61 -4.98 -38.99 -10.76
C GLY F 61 -3.84 -38.11 -11.30
N GLY F 62 -3.66 -36.96 -10.66
CA GLY F 62 -2.63 -36.03 -11.07
C GLY F 62 -2.11 -35.32 -9.83
N ASN F 63 -0.85 -34.94 -9.89
CA ASN F 63 -0.18 -34.15 -8.87
C ASN F 63 0.33 -32.84 -9.47
N PHE F 64 0.36 -31.80 -8.62
CA PHE F 64 0.78 -30.47 -9.01
C PHE F 64 1.67 -29.91 -7.92
N ALA F 65 2.60 -29.07 -8.34
CA ALA F 65 3.52 -28.38 -7.45
C ALA F 65 3.72 -26.93 -7.88
N ILE F 66 4.12 -26.11 -6.91
CA ILE F 66 4.61 -24.77 -7.13
C ILE F 66 6.09 -24.79 -6.79
N VAL F 67 6.91 -24.33 -7.71
CA VAL F 67 8.36 -24.43 -7.56
CA VAL F 67 8.37 -24.48 -7.67
C VAL F 67 9.04 -23.15 -8.05
N THR F 68 10.26 -22.96 -7.60
CA THR F 68 11.09 -21.85 -8.05
C THR F 68 12.00 -22.31 -9.19
N ASP F 69 12.62 -21.33 -9.85
N ASP F 69 12.65 -21.37 -9.86
CA ASP F 69 13.58 -21.66 -10.90
CA ASP F 69 13.56 -21.77 -10.91
C ASP F 69 14.86 -22.24 -10.34
C ASP F 69 14.90 -22.23 -10.34
N GLN F 70 15.06 -22.22 -9.02
CA GLN F 70 16.25 -22.79 -8.41
CA GLN F 70 16.24 -22.75 -8.37
C GLN F 70 15.91 -24.12 -7.76
N GLY F 71 14.85 -24.78 -8.25
CA GLY F 71 14.60 -26.18 -7.97
C GLY F 71 13.83 -26.43 -6.68
N GLU F 72 13.42 -25.37 -6.00
CA GLU F 72 12.79 -25.49 -4.70
C GLU F 72 11.29 -25.73 -4.85
N GLN F 73 10.82 -26.81 -4.23
CA GLN F 73 9.42 -27.17 -4.20
C GLN F 73 8.75 -26.53 -3.00
N LEU F 74 7.85 -25.61 -3.27
CA LEU F 74 7.24 -24.78 -2.24
C LEU F 74 5.95 -25.43 -1.71
N ALA F 75 5.26 -26.18 -2.53
CA ALA F 75 3.97 -26.76 -2.18
C ALA F 75 3.69 -27.87 -3.20
N TYR F 76 2.85 -28.85 -2.81
CA TYR F 76 2.45 -29.91 -3.73
C TYR F 76 1.13 -30.50 -3.26
N GLY F 77 0.43 -31.15 -4.17
CA GLY F 77 -0.75 -31.90 -3.83
C GLY F 77 -1.36 -32.51 -5.07
N GLY F 78 -2.51 -33.15 -4.96
CA GLY F 78 -3.09 -33.77 -6.14
C GLY F 78 -4.49 -34.33 -5.90
N PHE F 79 -5.08 -34.81 -6.98
CA PHE F 79 -6.37 -35.45 -6.99
C PHE F 79 -6.21 -36.88 -7.45
N THR F 80 -7.11 -37.77 -6.98
CA THR F 80 -7.22 -39.11 -7.55
C THR F 80 -8.68 -39.54 -7.52
N TYR F 81 -8.99 -40.49 -8.39
CA TYR F 81 -10.32 -41.09 -8.40
C TYR F 81 -10.37 -42.26 -7.42
N SER F 82 -11.61 -42.62 -7.07
CA SER F 82 -11.91 -43.64 -6.05
C SER F 82 -12.27 -45.00 -6.66
N SER F 83 -12.32 -45.08 -7.99
CA SER F 83 -12.55 -46.30 -8.76
CA SER F 83 -12.53 -46.34 -8.69
C SER F 83 -11.30 -46.67 -9.54
N LYS F 84 -11.05 -47.97 -9.70
N LYS F 84 -11.03 -47.96 -9.71
CA LYS F 84 -9.82 -48.38 -10.36
CA LYS F 84 -9.80 -48.37 -10.37
C LYS F 84 -9.79 -47.92 -11.82
C LYS F 84 -9.78 -47.92 -11.83
N ILE F 85 -10.89 -48.14 -12.54
CA ILE F 85 -11.05 -47.76 -13.92
C ILE F 85 -12.28 -46.87 -14.01
N PRO F 86 -12.11 -45.55 -13.83
CA PRO F 86 -13.27 -44.67 -13.89
C PRO F 86 -14.00 -44.83 -15.22
N GLU F 87 -15.34 -44.79 -15.18
CA GLU F 87 -16.14 -44.95 -16.37
C GLU F 87 -15.80 -43.86 -17.40
N ASN F 88 -15.84 -42.61 -16.95
CA ASN F 88 -15.33 -41.50 -17.75
C ASN F 88 -14.75 -40.49 -16.78
N SER F 89 -13.44 -40.51 -16.62
CA SER F 89 -12.74 -39.68 -15.65
C SER F 89 -13.26 -38.25 -15.65
N GLY F 90 -13.78 -37.83 -14.50
CA GLY F 90 -14.43 -36.54 -14.38
C GLY F 90 -13.48 -35.44 -13.99
N ARG F 91 -14.03 -34.21 -13.98
CA ARG F 91 -13.23 -33.05 -13.63
C ARG F 91 -13.20 -32.81 -12.13
N MET F 92 -11.98 -32.78 -11.59
CA MET F 92 -11.72 -32.70 -10.17
CA MET F 92 -11.67 -32.73 -10.18
C MET F 92 -10.97 -31.41 -9.88
N PRO F 93 -11.68 -30.32 -9.51
CA PRO F 93 -11.02 -29.03 -9.33
C PRO F 93 -9.90 -29.09 -8.32
N PHE F 94 -8.85 -28.30 -8.58
CA PHE F 94 -7.64 -28.32 -7.76
C PHE F 94 -7.07 -26.92 -7.58
N THR F 95 -6.76 -26.55 -6.32
CA THR F 95 -6.09 -25.30 -5.99
C THR F 95 -5.01 -25.64 -4.99
N LEU F 96 -3.91 -24.86 -5.05
CA LEU F 96 -2.74 -25.05 -4.22
C LEU F 96 -2.16 -23.69 -3.83
N VAL F 97 -1.83 -23.51 -2.55
CA VAL F 97 -1.36 -22.21 -2.07
C VAL F 97 -0.01 -22.37 -1.42
N ALA F 98 0.92 -21.47 -1.76
CA ALA F 98 2.31 -21.48 -1.28
C ALA F 98 2.72 -20.07 -0.86
N ARG F 99 3.77 -20.00 -0.06
N ARG F 99 3.83 -20.03 -0.13
CA ARG F 99 4.39 -18.74 0.26
CA ARG F 99 4.43 -18.80 0.40
C ARG F 99 5.85 -18.82 -0.14
C ARG F 99 5.92 -18.78 0.09
N TYR F 100 6.42 -17.64 -0.44
CA TYR F 100 7.85 -17.59 -0.74
C TYR F 100 8.38 -16.20 -0.33
N SER F 101 9.43 -16.21 0.49
CA SER F 101 10.23 -15.02 0.74
C SER F 101 11.02 -14.69 -0.51
N LEU F 102 11.01 -13.42 -0.90
CA LEU F 102 11.77 -12.99 -2.08
C LEU F 102 13.19 -12.52 -1.75
N ALA F 103 13.75 -12.99 -0.64
CA ALA F 103 15.13 -12.69 -0.27
C ALA F 103 16.17 -13.21 -1.28
N SER F 104 15.89 -14.32 -1.96
CA SER F 104 16.85 -15.03 -2.79
C SER F 104 16.86 -14.37 -4.16
N ASN F 105 17.78 -14.89 -5.01
CA ASN F 105 17.89 -14.43 -6.39
C ASN F 105 16.88 -15.09 -7.35
N VAL F 106 15.86 -15.76 -6.80
N VAL F 106 15.85 -15.79 -6.84
CA VAL F 106 14.74 -16.32 -7.57
CA VAL F 106 14.91 -16.51 -7.68
C VAL F 106 14.33 -15.39 -8.70
C VAL F 106 14.21 -15.53 -8.64
N SER F 107 14.14 -15.94 -9.91
CA SER F 107 13.61 -15.17 -11.03
C SER F 107 12.15 -15.54 -11.32
N THR F 108 11.79 -16.82 -11.10
CA THR F 108 10.50 -17.34 -11.57
C THR F 108 9.90 -18.26 -10.51
N ILE F 109 8.57 -18.21 -10.39
CA ILE F 109 7.79 -19.15 -9.60
C ILE F 109 6.78 -19.74 -10.57
N LYS F 110 6.72 -21.07 -10.63
CA LYS F 110 5.98 -21.73 -11.69
C LYS F 110 5.30 -23.01 -11.23
N ALA F 111 4.38 -23.45 -12.07
CA ALA F 111 3.62 -24.68 -11.84
C ALA F 111 4.27 -25.88 -12.52
N GLN F 112 4.23 -27.02 -11.84
CA GLN F 112 4.58 -28.30 -12.40
C GLN F 112 3.49 -29.32 -12.13
N TRP F 113 3.55 -30.43 -12.89
CA TRP F 113 2.63 -31.53 -12.69
C TRP F 113 3.32 -32.87 -12.98
N SER F 114 2.70 -33.93 -12.48
CA SER F 114 3.17 -35.29 -12.67
C SER F 114 1.99 -36.23 -12.54
N ASN F 115 2.16 -37.46 -13.01
CA ASN F 115 1.10 -38.43 -13.05
C ASN F 115 1.13 -39.28 -11.77
N ILE F 116 0.26 -40.29 -11.73
CA ILE F 116 0.29 -41.24 -10.64
C ILE F 116 -0.20 -42.57 -11.24
N ARG F 117 0.48 -43.66 -10.85
CA ARG F 117 0.09 -45.00 -11.26
C ARG F 117 -0.15 -45.07 -12.76
N GLY F 118 0.77 -44.44 -13.53
CA GLY F 118 0.73 -44.53 -14.98
C GLY F 118 -0.39 -43.76 -15.66
N SER F 119 -1.04 -42.83 -14.94
CA SER F 119 -2.11 -42.05 -15.53
C SER F 119 -1.59 -41.09 -16.59
N THR F 120 -2.50 -40.50 -17.36
CA THR F 120 -2.22 -39.28 -18.13
C THR F 120 -3.10 -38.18 -17.54
N VAL F 121 -2.45 -37.11 -17.12
CA VAL F 121 -3.10 -35.92 -16.60
C VAL F 121 -3.41 -34.99 -17.76
N HIS F 122 -4.54 -34.26 -17.71
CA HIS F 122 -4.97 -33.40 -18.81
C HIS F 122 -5.47 -32.06 -18.29
N ILE F 123 -5.14 -31.00 -19.04
CA ILE F 123 -5.69 -29.67 -18.88
C ILE F 123 -6.12 -29.19 -20.27
N ASP F 124 -7.39 -28.81 -20.43
CA ASP F 124 -7.94 -28.41 -21.71
C ASP F 124 -8.81 -27.15 -21.62
N SER F 125 -8.61 -26.37 -20.56
CA SER F 125 -9.45 -25.22 -20.27
C SER F 125 -8.69 -24.31 -19.32
N TYR F 126 -9.30 -23.20 -18.92
CA TYR F 126 -8.70 -22.15 -18.15
C TYR F 126 -8.00 -22.70 -16.90
N ALA F 127 -6.80 -22.17 -16.67
CA ALA F 127 -6.06 -22.40 -15.44
C ALA F 127 -5.19 -21.18 -15.21
N SER F 128 -4.76 -20.92 -13.96
CA SER F 128 -4.00 -19.75 -13.65
C SER F 128 -3.03 -20.00 -12.51
N ILE F 129 -2.01 -19.15 -12.48
CA ILE F 129 -1.12 -19.03 -11.34
C ILE F 129 -1.01 -17.54 -11.00
N SER F 130 -0.98 -17.21 -9.73
CA SER F 130 -1.02 -15.82 -9.32
C SER F 130 -0.27 -15.65 -8.01
N ALA F 131 0.15 -14.41 -7.78
CA ALA F 131 0.73 -14.09 -6.48
C ALA F 131 0.37 -12.68 -6.07
N VAL F 132 0.19 -12.54 -4.77
CA VAL F 132 0.14 -11.27 -4.12
C VAL F 132 1.48 -11.03 -3.43
N ILE F 133 2.11 -9.90 -3.74
CA ILE F 133 3.43 -9.59 -3.23
C ILE F 133 3.27 -8.40 -2.29
N GLN F 134 3.79 -8.55 -1.06
CA GLN F 134 3.58 -7.56 -0.02
C GLN F 134 4.86 -7.37 0.80
N CYS F 135 4.99 -6.19 1.40
N CYS F 135 5.02 -6.18 1.37
CA CYS F 135 6.01 -5.93 2.37
CA CYS F 135 6.04 -5.93 2.37
C CYS F 135 5.65 -6.68 3.64
C CYS F 135 5.67 -6.66 3.63
N ASN F 136 6.67 -7.20 4.34
CA ASN F 136 6.47 -7.86 5.61
C ASN F 136 5.94 -6.88 6.69
N GLN F 137 6.17 -5.57 6.51
N GLN F 137 6.17 -5.57 6.51
CA GLN F 137 5.65 -4.51 7.37
CA GLN F 137 5.65 -4.51 7.37
C GLN F 137 4.52 -3.75 6.68
C GLN F 137 4.52 -3.75 6.68
N LEU F 138 3.33 -3.71 7.31
CA LEU F 138 2.19 -2.99 6.76
C LEU F 138 2.14 -1.53 7.26
N VAL F 139 2.61 -0.60 6.40
CA VAL F 139 2.63 0.83 6.69
C VAL F 139 1.85 1.58 5.59
C1 NDG G . 31.02 38.29 9.93
C2 NDG G . 30.13 37.04 9.98
C3 NDG G . 30.92 35.74 10.04
C4 NDG G . 31.92 35.76 8.88
C5 NDG G . 32.80 37.00 8.97
C6 NDG G . 33.83 37.13 7.86
C7 NDG G . 27.97 37.67 10.81
C8 NDG G . 27.15 37.89 12.04
O5 NDG G . 31.98 38.18 8.91
O3 NDG G . 30.06 34.58 9.99
O4 NDG G . 32.76 34.60 8.93
O6 NDG G . 33.31 36.89 6.57
O7 NDG G . 27.59 38.00 9.67
N2 NDG G . 29.16 37.14 11.04
O1 NDG G . 31.69 38.49 11.14
C1 GAL G . 29.94 33.73 11.11
C2 GAL G . 28.82 32.73 10.83
C3 GAL G . 28.69 31.47 11.72
C4 GAL G . 30.09 30.92 12.04
C5 GAL G . 31.03 32.06 12.42
C6 GAL G . 32.43 31.62 12.73
O2 GAL G . 27.57 33.46 10.87
O3 GAL G . 27.89 30.43 11.01
O4 GAL G . 30.60 30.24 10.89
O5 GAL G . 31.15 33.03 11.34
O6 GAL G . 33.23 32.73 13.17
C1 FUC G . 26.62 33.02 9.95
C2 FUC G . 25.27 33.61 10.35
C3 FUC G . 25.24 35.09 10.14
C4 FUC G . 25.57 35.38 8.65
C5 FUC G . 26.93 34.81 8.34
C6 FUC G . 27.32 34.95 6.89
O2 FUC G . 25.03 33.35 11.73
O3 FUC G . 24.00 35.65 10.51
O4 FUC G . 24.59 34.80 7.78
O5 FUC G . 26.93 33.40 8.62
C1 GLA G . 27.41 29.31 11.72
C2 GLA G . 27.63 28.06 10.86
C3 GLA G . 26.81 28.13 9.58
C4 GLA G . 25.34 28.27 9.95
C5 GLA G . 25.17 29.54 10.74
C6 GLA G . 23.78 29.73 11.25
O2 GLA G . 29.03 27.99 10.60
O3 GLA G . 26.97 26.99 8.75
O4 GLA G . 24.86 27.10 10.67
O5 GLA G . 26.02 29.58 11.96
O6 GLA G . 23.59 31.06 11.67
C1 FUC G . 33.16 33.98 7.72
C2 FUC G . 34.19 32.91 8.10
C3 FUC G . 33.56 31.74 8.85
C4 FUC G . 32.39 31.22 8.05
C5 FUC G . 31.38 32.35 7.83
C6 FUC G . 30.14 31.98 7.05
O2 FUC G . 35.24 33.49 8.86
O3 FUC G . 34.55 30.71 9.00
O4 FUC G . 32.89 30.71 6.81
O5 FUC G . 31.99 33.43 7.10
C1 NDG H . 6.27 45.13 19.86
C2 NDG H . 5.74 43.92 19.08
C3 NDG H . 4.63 43.18 19.82
C4 NDG H . 5.12 42.91 21.24
C5 NDG H . 5.45 44.24 21.92
C6 NDG H . 5.89 44.14 23.36
C7 NDG H . 6.19 44.16 16.71
C8 NDG H . 5.71 44.73 15.41
O5 NDG H . 6.57 44.82 21.21
O3 NDG H . 4.30 41.93 19.14
O4 NDG H . 4.09 42.27 22.01
O6 NDG H . 7.03 43.28 23.51
O7 NDG H . 7.31 43.61 16.85
N2 NDG H . 5.35 44.28 17.72
O1 NDG H . 5.25 46.08 19.89
C1 GAL H . 3.02 41.80 18.58
C2 GAL H . 3.01 40.49 17.78
C3 GAL H . 1.65 39.99 17.31
C4 GAL H . 0.58 40.17 18.39
C5 GAL H . 0.64 41.58 18.98
C6 GAL H . -0.36 41.81 20.09
O2 GAL H . 3.90 40.73 16.67
O3 GAL H . 1.85 38.58 16.94
O4 GAL H . 0.85 39.27 19.45
O5 GAL H . 1.96 41.79 19.55
O6 GAL H . -0.37 43.15 20.49
C1 FUC H . 4.57 39.58 16.21
C2 FUC H . 5.08 39.87 14.81
C3 FUC H . 6.18 40.93 14.83
C4 FUC H . 7.29 40.52 15.75
C5 FUC H . 6.71 40.28 17.14
C6 FUC H . 7.72 39.78 18.16
O2 FUC H . 4.02 40.29 13.96
O3 FUC H . 6.65 41.19 13.49
O4 FUC H . 7.89 39.30 15.28
O5 FUC H . 5.66 39.28 17.10
C1 GLA H . 0.79 37.96 16.28
C2 GLA H . 0.45 36.63 16.93
C3 GLA H . 1.62 35.65 16.82
C4 GLA H . 2.00 35.47 15.35
C5 GLA H . 2.36 36.80 14.74
C6 GLA H . 2.56 36.73 13.26
O2 GLA H . 0.08 36.87 18.28
O3 GLA H . 1.26 34.39 17.39
O4 GLA H . 0.92 34.89 14.61
O5 GLA H . 1.26 37.79 14.95
O6 GLA H . 3.23 37.91 12.85
C1 FUC H . 4.53 41.31 22.94
C2 FUC H . 3.35 40.92 23.83
C3 FUC H . 2.29 40.17 23.03
C4 FUC H . 2.92 38.99 22.33
C5 FUC H . 4.07 39.48 21.46
C6 FUC H . 4.80 38.38 20.75
O2 FUC H . 2.84 42.08 24.47
O3 FUC H . 1.27 39.74 23.95
O4 FUC H . 3.41 38.04 23.29
O5 FUC H . 5.06 40.19 22.24
C1 NDG I . 11.81 47.81 -7.23
C2 NDG I . 11.69 46.28 -7.19
C3 NDG I . 11.03 45.74 -8.46
C4 NDG I . 9.71 46.47 -8.68
C5 NDG I . 10.00 47.96 -8.78
C6 NDG I . 8.81 48.81 -9.04
C7 NDG I . 13.36 45.44 -5.64
C8 NDG I . 14.79 45.00 -5.46
O5 NDG I . 10.56 48.41 -7.54
O3 NDG I . 10.78 44.31 -8.32
O4 NDG I . 9.09 45.99 -9.88
O6 NDG I . 7.80 48.69 -8.08
O7 NDG I . 12.58 45.53 -4.70
N2 NDG I . 12.96 45.67 -6.89
O1 NDG I . 12.79 48.16 -8.14
C1 GAL I . 11.55 43.44 -9.10
C2 GAL I . 11.26 42.05 -8.60
C3 GAL I . 11.64 40.94 -9.57
C4 GAL I . 11.25 41.28 -11.02
C5 GAL I . 11.72 42.69 -11.34
C6 GAL I . 11.33 43.13 -12.73
O2 GAL I . 11.97 41.94 -7.35
O3 GAL I . 11.00 39.74 -9.11
O4 GAL I . 9.86 41.19 -11.14
O5 GAL I . 11.12 43.64 -10.44
O6 GAL I . 11.95 44.36 -13.07
C1 FUC I . 11.35 41.05 -6.44
C2 FUC I . 12.38 40.74 -5.35
C3 FUC I . 12.66 41.96 -4.50
C4 FUC I . 11.35 42.52 -3.94
C5 FUC I . 10.45 42.86 -5.10
C6 FUC I . 9.09 43.32 -4.68
O2 FUC I . 13.58 40.26 -5.93
O3 FUC I . 13.61 41.62 -3.46
O4 FUC I . 10.75 41.52 -3.11
O5 FUC I . 10.19 41.65 -5.86
C1 GLA I . 11.48 38.52 -9.67
C2 GLA I . 10.22 37.70 -10.02
C3 GLA I . 9.40 37.31 -8.81
C4 GLA I . 10.31 36.56 -7.85
C5 GLA I . 11.56 37.38 -7.51
C6 GLA I . 12.54 36.62 -6.68
O2 GLA I . 9.38 38.46 -10.92
O3 GLA I . 8.23 36.57 -9.13
O4 GLA I . 10.69 35.32 -8.42
O5 GLA I . 12.28 37.82 -8.70
O6 GLA I . 13.39 37.53 -5.98
C1 FUC I . 7.70 45.86 -9.79
C2 FUC I . 7.15 45.70 -11.21
C3 FUC I . 7.48 44.35 -11.81
C4 FUC I . 7.04 43.25 -10.89
C5 FUC I . 7.72 43.46 -9.53
C6 FUC I . 7.41 42.39 -8.53
O2 FUC I . 7.61 46.80 -12.02
O3 FUC I . 6.87 44.22 -13.11
O4 FUC I . 5.61 43.21 -10.80
O5 FUC I . 7.34 44.74 -8.97
C1 NDG J . -29.71 -38.96 1.18
C2 NDG J . -28.72 -37.82 1.36
C3 NDG J . -29.35 -36.67 2.16
C4 NDG J . -30.66 -36.25 1.50
C5 NDG J . -31.56 -37.48 1.41
C6 NDG J . -32.90 -37.21 0.76
C7 NDG J . -26.51 -38.77 1.16
C8 NDG J . -25.40 -39.51 1.87
O5 NDG J . -30.94 -38.54 0.66
O3 NDG J . -28.39 -35.57 2.17
O4 NDG J . -31.25 -35.18 2.28
O6 NDG J . -32.75 -36.78 -0.56
O7 NDG J . -26.49 -38.57 -0.05
N2 NDG J . -27.49 -38.31 1.94
O1 NDG J . -29.97 -39.52 2.43
C1 GAL J . -27.78 -35.29 3.39
C2 GAL J . -26.75 -34.24 3.10
C3 GAL J . -26.26 -33.49 4.32
C4 GAL J . -27.39 -33.10 5.27
C5 GAL J . -28.28 -34.35 5.53
C6 GAL J . -29.47 -34.10 6.42
O2 GAL J . -25.67 -34.94 2.46
O3 GAL J . -25.58 -32.32 3.88
O4 GAL J . -28.19 -32.06 4.70
O5 GAL J . -28.78 -34.81 4.28
O6 GAL J . -29.99 -35.32 6.85
C1 FUC J . -24.93 -34.14 1.59
C2 FUC J . -23.61 -34.86 1.39
C3 FUC J . -23.78 -36.10 0.54
C4 FUC J . -24.47 -35.73 -0.78
C5 FUC J . -25.81 -35.11 -0.48
C6 FUC J . -26.55 -34.70 -1.72
O2 FUC J . -22.97 -35.18 2.62
O3 FUC J . -22.52 -36.71 0.34
O4 FUC J . -23.63 -34.81 -1.50
O5 FUC J . -25.59 -33.93 0.35
C1 GLA J . -24.80 -31.64 4.82
C2 GLA J . -25.09 -30.15 4.70
C3 GLA J . -24.63 -29.65 3.31
C4 GLA J . -23.15 -29.96 3.14
C5 GLA J . -22.89 -31.43 3.37
C6 GLA J . -21.41 -31.78 3.40
O2 GLA J . -26.47 -29.90 4.95
O3 GLA J . -24.82 -28.24 3.22
O4 GLA J . -22.36 -29.17 4.00
O5 GLA J . -23.43 -31.93 4.61
O6 GLA J . -21.22 -33.15 3.10
C1 FUC J . -31.87 -34.19 1.48
C2 FUC J . -32.62 -33.29 2.42
C3 FUC J . -31.72 -32.48 3.26
C4 FUC J . -30.75 -31.69 2.37
C5 FUC J . -29.97 -32.69 1.53
C6 FUC J . -28.97 -32.07 0.58
O2 FUC J . -33.42 -34.13 3.26
O3 FUC J . -32.50 -31.59 4.04
O4 FUC J . -31.48 -30.82 1.51
O5 FUC J . -30.88 -33.47 0.73
C1 NDG K . 1.76 -45.01 -1.80
C2 NDG K . 0.56 -45.53 -1.01
C3 NDG K . -0.75 -45.23 -1.75
C4 NDG K . -0.84 -43.73 -1.95
C5 NDG K . 0.40 -43.29 -2.70
C6 NDG K . 0.46 -41.82 -3.00
C7 NDG K . 1.07 -47.30 0.65
C8 NDG K . 1.04 -48.77 0.90
O5 NDG K . 1.60 -43.62 -1.94
O3 NDG K . -1.87 -45.69 -0.97
O4 NDG K . -2.08 -43.46 -2.66
O6 NDG K . 0.30 -41.11 -1.84
O7 NDG K . 1.31 -46.50 1.55
N2 NDG K . 0.76 -46.91 -0.61
O1 NDG K . 1.83 -45.71 -3.02
C1 GAL K . -2.54 -46.87 -1.37
C2 GAL K . -3.65 -47.20 -0.38
C3 GAL K . -4.63 -48.22 -0.98
C4 GAL K . -5.09 -47.74 -2.36
C5 GAL K . -3.87 -47.47 -3.25
C6 GAL K . -4.21 -46.96 -4.63
O2 GAL K . -3.07 -47.64 0.88
O3 GAL K . -5.76 -48.48 -0.10
O4 GAL K . -5.83 -46.50 -2.36
O5 GAL K . -3.12 -46.49 -2.62
O6 GAL K . -4.89 -48.00 -5.35
C1 FUC K . -3.63 -47.03 2.03
C2 FUC K . -3.13 -47.83 3.22
C3 FUC K . -1.65 -47.52 3.55
C4 FUC K . -1.38 -46.00 3.64
C5 FUC K . -1.89 -45.37 2.34
C6 FUC K . -1.76 -43.86 2.26
O2 FUC K . -3.33 -49.22 2.92
O3 FUC K . -1.27 -48.22 4.74
O4 FUC K . -2.05 -45.44 4.79
O5 FUC K . -3.30 -45.65 2.24
C1 GLA K . -6.62 -49.56 -0.38
C2 GLA K . -7.62 -49.60 0.76
C3 GLA K . -6.92 -49.99 2.08
C4 GLA K . -6.13 -51.28 1.89
C5 GLA K . -5.18 -51.15 0.74
C6 GLA K . -4.40 -52.42 0.45
O2 GLA K . -8.32 -48.37 0.84
O3 GLA K . -7.86 -50.17 3.15
O4 GLA K . -7.03 -52.36 1.63
O5 GLA K . -5.96 -50.82 -0.45
O6 GLA K . -3.56 -52.24 -0.67
C1 FUC K . -2.74 -42.29 -2.32
C2 FUC K . -3.64 -41.91 -3.48
C3 FUC K . -4.82 -42.91 -3.60
C4 FUC K . -5.59 -42.95 -2.31
C5 FUC K . -4.62 -43.37 -1.20
C6 FUC K . -5.24 -43.45 0.17
O2 FUC K . -2.91 -41.87 -4.68
O3 FUC K . -5.66 -42.50 -4.66
O4 FUC K . -6.15 -41.68 -1.99
O5 FUC K . -3.51 -42.47 -1.10
C1 NDG L . -16.92 -38.92 -23.91
C2 NDG L . -16.60 -37.62 -23.18
C3 NDG L . -16.20 -36.54 -24.18
C4 NDG L . -15.08 -37.07 -25.05
C5 NDG L . -15.52 -38.35 -25.75
C6 NDG L . -14.44 -39.01 -26.59
C7 NDG L . -17.74 -37.59 -21.05
C8 NDG L . -19.06 -37.42 -20.35
O5 NDG L . -15.84 -39.31 -24.72
O3 NDG L . -15.79 -35.34 -23.52
O4 NDG L . -14.71 -36.07 -26.01
O6 NDG L . -13.27 -39.36 -25.81
O7 NDG L . -16.79 -38.09 -20.48
N2 NDG L . -17.69 -37.20 -22.30
O1 NDG L . -18.06 -38.70 -24.65
C1 GAL L . -16.63 -34.20 -23.59
C1 GAL L . -16.63 -34.17 -23.55
C2 GAL L . -16.06 -33.22 -22.60
C2 GAL L . -16.05 -33.20 -22.55
C3 GAL L . -16.54 -31.79 -22.79
C3 GAL L . -16.53 -31.79 -22.74
C4 GAL L . -16.54 -31.36 -24.26
C4 GAL L . -16.55 -31.37 -24.20
C5 GAL L . -17.18 -32.46 -25.12
C5 GAL L . -17.26 -32.45 -25.00
C6 GAL L . -17.08 -32.20 -26.61
C6 GAL L . -17.38 -32.16 -26.48
O2 GAL L . -16.40 -33.70 -21.30
O2 GAL L . -16.40 -33.70 -21.26
O3 GAL L . -15.70 -30.91 -22.03
O3 GAL L . -15.67 -30.92 -22.01
O4 GAL L . -15.19 -31.16 -24.68
O4 GAL L . -15.21 -31.20 -24.68
O5 GAL L . -16.50 -33.71 -24.90
O5 GAL L . -16.54 -33.67 -24.87
O6 GAL L . -17.33 -30.85 -27.00
O6 GAL L . -18.15 -33.16 -27.15
C1 FUC L . -15.51 -33.38 -20.22
C2 FUC L . -16.23 -33.57 -18.89
C3 FUC L . -16.44 -35.06 -18.65
C4 FUC L . -15.08 -35.77 -18.71
C5 FUC L . -14.47 -35.56 -20.09
C6 FUC L . -13.11 -36.19 -20.23
O2 FUC L . -17.46 -32.88 -18.90
O3 FUC L . -17.03 -35.23 -17.36
O4 FUC L . -14.22 -35.24 -17.71
O5 FUC L . -14.32 -34.13 -20.31
C1 GLA L . -16.09 -29.56 -21.78
C2 GLA L . -14.88 -28.66 -22.08
C3 GLA L . -13.77 -28.90 -21.09
C4 GLA L . -14.31 -28.70 -19.67
C5 GLA L . -15.51 -29.58 -19.43
C6 GLA L . -16.14 -29.33 -18.09
O2 GLA L . -14.42 -28.87 -23.41
O3 GLA L . -12.65 -28.02 -21.33
O4 GLA L . -14.61 -27.36 -19.44
O5 GLA L . -16.54 -29.41 -20.42
O6 GLA L . -16.95 -30.49 -17.73
C1 FUC L . -13.31 -36.02 -26.22
C2 FUC L . -13.02 -35.17 -27.44
C3 FUC L . -13.28 -33.70 -27.17
C4 FUC L . -12.52 -33.26 -25.91
C5 FUC L . -12.92 -34.15 -24.76
C6 FUC L . -12.20 -33.85 -23.48
O2 FUC L . -13.81 -35.59 -28.54
O3 FUC L . -12.85 -32.95 -28.30
O4 FUC L . -11.09 -33.34 -26.17
O5 FUC L . -12.61 -35.50 -25.09
#